data_8W3R
#
_entry.id   8W3R
#
_cell.length_a   100.240
_cell.length_b   100.240
_cell.length_c   588.218
_cell.angle_alpha   90.000
_cell.angle_beta   90.000
_cell.angle_gamma   120.000
#
_symmetry.space_group_name_H-M   'H 3 2'
#
loop_
_entity.id
_entity.type
_entity.pdbx_description
1 polymer 'A4 single-chain fragment variable'
2 polymer 'prefusion-stabilized RSV F protein UFCR2-iSS-P2-NQ'
3 non-polymer 2-acetamido-2-deoxy-beta-D-glucopyranose
#
loop_
_entity_poly.entity_id
_entity_poly.type
_entity_poly.pdbx_seq_one_letter_code
_entity_poly.pdbx_strand_id
1 'polypeptide(L)'
;EVQLVESGGGLVQPGGSLRLSCAASGFTFTTYAMHWVRQSPGKGLEWLASISYDGTSQYYAESVKGRFTVSRDNSKKTLL
LQVNSLRPEDTAVYYCAGSPSGHYSWLGYFYAMDVWGQGTVTVSSGGGGSGGGGSGGGGSQSALTQPASVSGSPGQSITI
SCTGASSDVGGYDYVSWYQQHPGKAPKLLIYDVSDRPSGVSNRFSGSKSGNTASLTISGLQTEDEADYYCSSYTSKNTLI
FGGGTKLTVLTSGPGGPEPKSSDKGSHHHHHH
;
A
2 'polypeptide(L)'
;MGILPSPGMPALLSLVSLLSVLLMGCVAEQNITEEFYQSTCSAVSKGYLGALRTGWYTSVITIELSNIKENKCNGTDAKV
KLIKQELDKYKNAVTDLQLLMQSTPATGSGSAICSGVAVCKVLHLEGEVNKIKSALLSTNKAVVSLSNGPSVLTSKVLDL
KNYIDKQLLPIVNKQSCSIPNIETVIEFQQKNNRLLEITREFSVNAGVTTPVSTYMLTNSELLSLINDMPITNDQKKLMS
NNVQIVRQQSYSIMCIIKEEVLAYVVQLPLYGVIDTPCWKLHTSPLCTTNTKEGSNICLTRTDRGWYCDNAGSVSFFPQA
ETCKVQSNRVFCDTMNSLTLPSEVNLCNVDIFNPKYDCKIMTSKTDVSSSVITSLGAIVSCYGKTKCTASNKNRGIIKTF
SNGCDYVSNKGVDTVSVGNTLYCVNKQEGQSLYVKGEPIINFYDPLVFPSNQFDASISQVNEKINQSLAFIRKSDELLAS
GYIPEAPRDGQAYVRKDGEWVLLSTFL
;
F
#
# COMPACT_ATOMS: atom_id res chain seq x y z
N GLU A 1 30.65 -29.24 -3.23
CA GLU A 1 29.57 -29.92 -3.94
C GLU A 1 28.41 -28.99 -4.24
N VAL A 2 28.72 -27.83 -4.82
CA VAL A 2 27.70 -26.93 -5.35
C VAL A 2 27.53 -27.31 -6.82
N GLN A 3 26.49 -28.08 -7.11
CA GLN A 3 26.39 -28.81 -8.37
C GLN A 3 25.22 -28.30 -9.21
N LEU A 4 25.52 -27.89 -10.44
CA LEU A 4 24.53 -27.56 -11.46
C LEU A 4 24.65 -28.55 -12.61
N VAL A 5 23.52 -29.01 -13.14
CA VAL A 5 23.50 -29.96 -14.25
C VAL A 5 22.47 -29.49 -15.29
N GLU A 6 22.91 -29.42 -16.55
CA GLU A 6 22.10 -28.97 -17.66
C GLU A 6 21.34 -30.15 -18.27
N SER A 7 20.33 -29.84 -19.07
CA SER A 7 19.41 -30.87 -19.54
C SER A 7 18.65 -30.36 -20.74
N GLY A 8 18.29 -31.30 -21.63
CA GLY A 8 17.57 -30.97 -22.85
C GLY A 8 18.51 -30.67 -24.00
N GLY A 9 18.32 -31.33 -25.13
CA GLY A 9 19.19 -31.02 -26.25
C GLY A 9 19.28 -32.12 -27.29
N GLY A 10 20.47 -32.68 -27.46
CA GLY A 10 20.64 -33.67 -28.51
C GLY A 10 20.52 -33.00 -29.86
N LEU A 11 19.93 -33.73 -30.82
CA LEU A 11 19.72 -33.23 -32.17
C LEU A 11 18.34 -32.63 -32.28
N VAL A 12 18.21 -31.58 -33.11
CA VAL A 12 16.97 -30.83 -33.19
C VAL A 12 16.80 -30.20 -34.57
N GLN A 13 15.55 -29.91 -34.90
CA GLN A 13 15.13 -29.40 -36.21
C GLN A 13 15.35 -27.90 -36.31
N PRO A 14 15.99 -27.41 -37.38
CA PRO A 14 16.03 -25.95 -37.59
C PRO A 14 14.62 -25.38 -37.72
N GLY A 15 14.17 -24.68 -36.69
CA GLY A 15 12.78 -24.27 -36.56
C GLY A 15 12.17 -24.79 -35.27
N GLY A 16 10.88 -24.46 -35.10
CA GLY A 16 10.20 -24.87 -33.88
C GLY A 16 10.84 -24.30 -32.61
N SER A 17 10.34 -24.79 -31.49
CA SER A 17 10.81 -24.36 -30.18
C SER A 17 11.66 -25.45 -29.54
N LEU A 18 12.25 -25.11 -28.38
CA LEU A 18 13.12 -26.02 -27.65
C LEU A 18 13.34 -25.51 -26.24
N ARG A 19 13.19 -26.37 -25.25
CA ARG A 19 13.32 -26.01 -23.84
C ARG A 19 14.61 -26.57 -23.25
N LEU A 20 15.31 -25.74 -22.49
CA LEU A 20 16.48 -26.17 -21.72
C LEU A 20 16.31 -25.74 -20.26
N SER A 21 16.79 -26.58 -19.34
CA SER A 21 16.63 -26.31 -17.92
C SER A 21 17.91 -26.67 -17.17
N CYS A 22 17.86 -26.47 -15.86
CA CYS A 22 19.00 -26.64 -14.97
C CYS A 22 18.49 -27.24 -13.66
N ALA A 23 19.43 -27.65 -12.81
CA ALA A 23 19.09 -28.24 -11.52
C ALA A 23 20.09 -27.78 -10.47
N ALA A 24 19.56 -27.47 -9.28
CA ALA A 24 20.33 -26.91 -8.18
C ALA A 24 20.42 -27.88 -7.03
N SER A 25 21.64 -28.11 -6.55
CA SER A 25 21.87 -28.99 -5.42
C SER A 25 23.20 -28.60 -4.77
N GLY A 26 23.20 -28.48 -3.45
CA GLY A 26 24.38 -28.09 -2.71
C GLY A 26 24.40 -26.65 -2.26
N PHE A 27 23.37 -25.88 -2.61
CA PHE A 27 23.31 -24.48 -2.21
C PHE A 27 21.84 -24.09 -2.10
N THR A 28 21.62 -22.90 -1.53
CA THR A 28 20.28 -22.35 -1.35
C THR A 28 19.93 -21.52 -2.58
N PHE A 29 18.83 -21.89 -3.26
CA PHE A 29 18.49 -21.25 -4.53
C PHE A 29 18.13 -19.79 -4.35
N THR A 30 17.28 -19.48 -3.38
CA THR A 30 16.72 -18.13 -3.28
C THR A 30 17.80 -17.06 -3.05
N THR A 31 19.07 -17.45 -2.89
CA THR A 31 20.13 -16.47 -2.72
C THR A 31 21.01 -16.31 -3.95
N TYR A 32 20.86 -17.17 -4.95
CA TYR A 32 21.73 -17.17 -6.11
C TYR A 32 20.99 -16.66 -7.34
N ALA A 33 21.71 -15.93 -8.18
CA ALA A 33 21.20 -15.49 -9.48
C ALA A 33 21.82 -16.35 -10.57
N MET A 34 21.10 -16.48 -11.69
CA MET A 34 21.44 -17.48 -12.70
C MET A 34 21.85 -16.81 -14.01
N HIS A 35 22.61 -17.56 -14.82
CA HIS A 35 23.09 -17.13 -16.12
C HIS A 35 22.96 -18.27 -17.12
N TRP A 36 22.71 -17.91 -18.38
CA TRP A 36 22.80 -18.85 -19.50
C TRP A 36 23.91 -18.35 -20.42
N VAL A 37 24.87 -19.22 -20.71
CA VAL A 37 26.00 -18.86 -21.56
C VAL A 37 26.25 -20.03 -22.50
N ARG A 38 26.53 -19.72 -23.76
CA ARG A 38 26.71 -20.73 -24.79
C ARG A 38 28.09 -20.60 -25.43
N GLN A 39 28.43 -21.59 -26.26
CA GLN A 39 29.75 -21.64 -26.89
C GLN A 39 29.68 -22.54 -28.11
N SER A 40 29.89 -21.97 -29.30
CA SER A 40 30.00 -22.78 -30.50
C SER A 40 31.28 -23.63 -30.45
N PRO A 41 31.33 -24.72 -31.21
CA PRO A 41 32.55 -25.54 -31.22
C PRO A 41 33.75 -24.75 -31.71
N GLY A 42 34.86 -24.92 -31.00
CA GLY A 42 36.12 -24.30 -31.37
C GLY A 42 36.06 -22.80 -31.49
N LYS A 43 35.17 -22.17 -30.73
CA LYS A 43 34.95 -20.74 -30.80
C LYS A 43 34.83 -20.19 -29.39
N GLY A 44 34.65 -18.87 -29.29
CA GLY A 44 34.62 -18.21 -27.99
C GLY A 44 33.29 -18.35 -27.27
N LEU A 45 33.24 -17.74 -26.09
CA LEU A 45 32.03 -17.72 -25.27
C LEU A 45 31.14 -16.54 -25.66
N GLU A 46 29.84 -16.71 -25.45
CA GLU A 46 28.87 -15.64 -25.73
C GLU A 46 27.83 -15.62 -24.64
N TRP A 47 27.61 -14.45 -24.06
CA TRP A 47 26.61 -14.32 -23.02
C TRP A 47 25.20 -14.38 -23.59
N LEU A 48 24.25 -14.74 -22.74
CA LEU A 48 22.86 -14.74 -23.16
C LEU A 48 21.94 -13.97 -22.21
N ALA A 49 21.67 -14.53 -21.04
CA ALA A 49 20.65 -13.94 -20.17
C ALA A 49 21.04 -14.08 -18.70
N SER A 50 20.25 -13.42 -17.84
CA SER A 50 20.40 -13.45 -16.39
C SER A 50 19.10 -13.04 -15.74
N ILE A 51 18.77 -13.68 -14.61
CA ILE A 51 17.60 -13.33 -13.82
C ILE A 51 17.99 -13.16 -12.36
N SER A 52 17.25 -12.32 -11.66
CA SER A 52 17.56 -12.03 -10.27
C SER A 52 17.08 -13.16 -9.37
N TYR A 53 17.36 -13.02 -8.08
CA TYR A 53 17.00 -14.05 -7.12
C TYR A 53 15.49 -14.28 -7.04
N ASP A 54 14.70 -13.26 -7.35
CA ASP A 54 13.26 -13.38 -7.29
C ASP A 54 12.61 -13.57 -8.66
N GLY A 55 13.40 -13.72 -9.73
CA GLY A 55 12.82 -13.82 -11.06
C GLY A 55 12.02 -12.62 -11.52
N THR A 56 11.98 -11.53 -10.76
CA THR A 56 11.29 -10.34 -11.20
C THR A 56 12.01 -9.71 -12.38
N SER A 57 13.23 -9.24 -12.16
CA SER A 57 14.02 -8.65 -13.22
C SER A 57 14.67 -9.74 -14.05
N GLN A 58 14.77 -9.48 -15.35
CA GLN A 58 15.28 -10.47 -16.29
C GLN A 58 15.83 -9.71 -17.48
N TYR A 59 17.14 -9.67 -17.63
CA TYR A 59 17.75 -8.81 -18.63
C TYR A 59 18.72 -9.59 -19.51
N TYR A 60 18.59 -9.41 -20.83
CA TYR A 60 19.17 -10.25 -21.88
C TYR A 60 20.24 -9.49 -22.66
N ALA A 61 20.95 -10.22 -23.53
CA ALA A 61 21.83 -9.65 -24.53
C ALA A 61 21.05 -9.33 -25.80
N GLU A 62 21.55 -8.33 -26.55
CA GLU A 62 20.79 -7.80 -27.67
C GLU A 62 20.68 -8.81 -28.81
N SER A 63 21.76 -9.57 -29.07
CA SER A 63 21.78 -10.45 -30.23
C SER A 63 20.71 -11.54 -30.13
N VAL A 64 20.26 -11.85 -28.92
CA VAL A 64 19.37 -12.97 -28.69
C VAL A 64 18.03 -12.52 -28.12
N LYS A 65 17.84 -11.21 -27.95
CA LYS A 65 16.60 -10.69 -27.39
C LYS A 65 15.40 -11.11 -28.24
N GLY A 66 14.32 -11.49 -27.57
CA GLY A 66 13.10 -11.83 -28.27
C GLY A 66 12.95 -13.31 -28.53
N ARG A 67 13.85 -13.88 -29.34
CA ARG A 67 13.81 -15.30 -29.66
C ARG A 67 14.00 -16.17 -28.42
N PHE A 68 14.49 -15.59 -27.31
CA PHE A 68 14.81 -16.32 -26.09
C PHE A 68 14.04 -15.72 -24.92
N THR A 69 13.63 -16.58 -23.99
CA THR A 69 13.05 -16.15 -22.72
C THR A 69 13.55 -17.07 -21.61
N VAL A 70 13.94 -16.46 -20.49
CA VAL A 70 14.45 -17.20 -19.35
C VAL A 70 13.41 -17.15 -18.23
N SER A 71 13.23 -18.29 -17.56
CA SER A 71 12.24 -18.39 -16.50
C SER A 71 12.83 -19.19 -15.35
N ARG A 72 12.16 -19.15 -14.19
CA ARG A 72 12.67 -19.85 -13.02
C ARG A 72 11.51 -20.20 -12.08
N ASP A 73 11.51 -21.44 -11.59
CA ASP A 73 10.55 -21.89 -10.57
C ASP A 73 11.32 -22.12 -9.28
N ASN A 74 11.26 -21.15 -8.37
CA ASN A 74 11.97 -21.28 -7.10
C ASN A 74 11.37 -22.34 -6.20
N SER A 75 10.10 -22.72 -6.44
CA SER A 75 9.49 -23.78 -5.65
C SER A 75 10.03 -25.14 -6.03
N LYS A 76 10.25 -25.38 -7.32
CA LYS A 76 10.77 -26.65 -7.81
C LYS A 76 12.29 -26.63 -7.98
N LYS A 77 12.94 -25.47 -7.82
CA LYS A 77 14.40 -25.36 -7.77
C LYS A 77 15.06 -25.63 -9.13
N THR A 78 14.50 -25.05 -10.20
CA THR A 78 15.09 -25.19 -11.53
C THR A 78 15.07 -23.86 -12.25
N LEU A 79 15.89 -23.78 -13.31
CA LEU A 79 16.02 -22.61 -14.17
C LEU A 79 15.80 -23.04 -15.62
N LEU A 80 14.92 -22.34 -16.33
CA LEU A 80 14.51 -22.74 -17.66
C LEU A 80 14.89 -21.69 -18.69
N LEU A 81 15.25 -22.15 -19.88
CA LEU A 81 15.50 -21.30 -21.04
C LEU A 81 14.79 -21.91 -22.24
N GLN A 82 13.83 -21.18 -22.79
CA GLN A 82 13.10 -21.63 -23.97
C GLN A 82 13.69 -21.01 -25.23
N VAL A 83 13.84 -21.81 -26.27
CA VAL A 83 14.41 -21.38 -27.53
C VAL A 83 13.32 -21.45 -28.59
N ASN A 84 13.02 -20.31 -29.21
CA ASN A 84 12.09 -20.26 -30.31
C ASN A 84 12.81 -19.86 -31.60
N SER A 85 12.37 -20.44 -32.71
CA SER A 85 12.88 -20.10 -34.04
C SER A 85 14.37 -20.45 -34.17
N LEU A 86 14.70 -21.71 -33.94
CA LEU A 86 16.08 -22.16 -33.98
C LEU A 86 16.69 -21.92 -35.36
N ARG A 87 17.98 -21.59 -35.39
CA ARG A 87 18.68 -21.31 -36.64
C ARG A 87 19.94 -22.16 -36.75
N PRO A 88 20.40 -22.44 -37.98
CA PRO A 88 21.61 -23.27 -38.12
C PRO A 88 22.84 -22.66 -37.49
N GLU A 89 22.82 -21.36 -37.22
CA GLU A 89 23.93 -20.69 -36.56
C GLU A 89 23.83 -20.71 -35.05
N ASP A 90 22.89 -21.47 -34.47
CA ASP A 90 22.69 -21.53 -33.04
C ASP A 90 23.30 -22.79 -32.41
N THR A 91 23.89 -23.67 -33.20
CA THR A 91 24.38 -24.95 -32.71
C THR A 91 25.56 -24.71 -31.78
N ALA A 92 25.41 -25.03 -30.50
CA ALA A 92 26.45 -24.77 -29.53
C ALA A 92 26.19 -25.57 -28.26
N VAL A 93 27.20 -25.61 -27.40
CA VAL A 93 27.08 -26.17 -26.06
C VAL A 93 26.55 -25.08 -25.15
N TYR A 94 25.46 -25.37 -24.44
CA TYR A 94 24.79 -24.39 -23.61
C TYR A 94 25.07 -24.68 -22.16
N TYR A 95 25.64 -23.70 -21.46
CA TYR A 95 26.11 -23.83 -20.09
C TYR A 95 25.15 -23.16 -19.12
N CYS A 96 25.08 -23.73 -17.93
CA CYS A 96 24.37 -23.17 -16.80
C CYS A 96 25.37 -22.62 -15.79
N ALA A 97 25.14 -21.40 -15.32
CA ALA A 97 26.07 -20.73 -14.41
C ALA A 97 25.31 -19.99 -13.32
N GLY A 98 25.99 -19.79 -12.19
CA GLY A 98 25.40 -19.09 -11.07
C GLY A 98 26.34 -18.04 -10.52
N SER A 99 25.75 -17.11 -9.75
CA SER A 99 26.43 -15.98 -9.12
C SER A 99 25.93 -15.80 -7.69
N PRO A 100 26.84 -15.54 -6.75
CA PRO A 100 26.52 -15.72 -5.33
C PRO A 100 25.72 -14.60 -4.69
N SER A 101 25.51 -13.47 -5.35
CA SER A 101 24.82 -12.36 -4.70
C SER A 101 23.31 -12.58 -4.67
N GLY A 102 22.70 -12.33 -3.51
CA GLY A 102 21.27 -12.46 -3.34
C GLY A 102 20.65 -11.16 -2.86
N HIS A 103 19.32 -11.17 -2.80
CA HIS A 103 18.53 -10.01 -2.40
C HIS A 103 18.83 -8.77 -3.26
N TYR A 104 19.52 -8.96 -4.39
CA TYR A 104 19.84 -7.87 -5.30
C TYR A 104 19.37 -8.24 -6.70
N SER A 105 19.06 -7.22 -7.50
CA SER A 105 18.40 -7.43 -8.79
C SER A 105 19.03 -6.69 -9.95
N TRP A 106 19.83 -5.65 -9.73
CA TRP A 106 20.57 -5.03 -10.82
C TRP A 106 21.65 -5.98 -11.32
N LEU A 107 21.82 -6.02 -12.63
CA LEU A 107 22.78 -6.97 -13.20
C LEU A 107 24.21 -6.69 -12.78
N GLY A 108 24.51 -5.46 -12.34
CA GLY A 108 25.86 -5.15 -11.92
C GLY A 108 26.25 -5.77 -10.59
N TYR A 109 25.28 -6.14 -9.77
CA TYR A 109 25.56 -6.73 -8.47
C TYR A 109 25.75 -8.25 -8.53
N PHE A 110 25.61 -8.85 -9.71
CA PHE A 110 25.96 -10.26 -9.87
C PHE A 110 26.52 -10.48 -11.28
N TYR A 111 27.53 -9.70 -11.64
CA TYR A 111 28.05 -9.74 -13.01
C TYR A 111 29.10 -10.82 -13.22
N ALA A 112 29.61 -11.43 -12.16
CA ALA A 112 30.59 -12.49 -12.29
C ALA A 112 29.92 -13.85 -12.14
N MET A 113 30.61 -14.90 -12.59
CA MET A 113 30.09 -16.26 -12.56
C MET A 113 31.15 -17.17 -11.93
N ASP A 114 30.75 -17.96 -10.93
CA ASP A 114 31.70 -18.85 -10.26
C ASP A 114 31.29 -20.32 -10.23
N VAL A 115 30.03 -20.65 -10.48
CA VAL A 115 29.56 -22.03 -10.47
C VAL A 115 29.03 -22.37 -11.86
N TRP A 116 29.46 -23.49 -12.41
CA TRP A 116 29.15 -23.84 -13.80
C TRP A 116 28.68 -25.28 -13.87
N GLY A 117 28.42 -25.75 -15.09
CA GLY A 117 27.91 -27.09 -15.31
C GLY A 117 28.59 -27.76 -16.49
N GLN A 118 28.16 -28.99 -16.76
CA GLN A 118 28.77 -29.80 -17.83
C GLN A 118 28.46 -29.22 -19.21
N GLY A 119 27.20 -28.91 -19.46
CA GLY A 119 26.80 -28.39 -20.76
C GLY A 119 26.07 -29.42 -21.59
N THR A 120 25.03 -28.98 -22.30
CA THR A 120 24.25 -29.85 -23.17
C THR A 120 24.32 -29.33 -24.60
N VAL A 121 24.31 -30.25 -25.55
CA VAL A 121 24.52 -29.91 -26.95
C VAL A 121 23.17 -29.73 -27.63
N THR A 122 23.11 -28.72 -28.51
CA THR A 122 21.95 -28.47 -29.35
C THR A 122 22.45 -28.25 -30.77
N VAL A 123 22.16 -29.20 -31.66
CA VAL A 123 22.73 -29.21 -33.00
C VAL A 123 21.61 -29.20 -34.03
N SER A 124 21.84 -28.51 -35.14
CA SER A 124 20.86 -28.31 -36.20
C SER A 124 21.57 -28.37 -37.55
N SER A 125 21.28 -29.41 -38.33
CA SER A 125 21.90 -29.59 -39.64
C SER A 125 20.83 -29.53 -40.72
N GLY A 126 21.29 -29.41 -41.97
CA GLY A 126 20.40 -29.33 -43.11
C GLY A 126 20.17 -30.66 -43.79
N GLN A 141 30.82 -11.93 -32.85
CA GLN A 141 30.41 -12.70 -31.68
C GLN A 141 31.36 -12.48 -30.49
N SER A 142 32.01 -11.32 -30.45
CA SER A 142 32.89 -10.95 -29.34
C SER A 142 33.03 -9.42 -29.36
N ALA A 143 32.29 -8.75 -28.50
CA ALA A 143 32.44 -7.30 -28.37
C ALA A 143 33.65 -6.91 -27.52
N LEU A 144 34.26 -7.85 -26.80
CA LEU A 144 35.57 -7.67 -26.22
C LEU A 144 36.62 -8.40 -27.05
N THR A 145 37.87 -8.03 -26.85
CA THR A 145 38.94 -8.44 -27.75
C THR A 145 40.18 -8.82 -26.97
N GLN A 146 40.63 -10.07 -27.11
CA GLN A 146 41.84 -10.57 -26.48
C GLN A 146 42.83 -11.04 -27.54
N PRO A 147 44.09 -11.36 -27.18
CA PRO A 147 44.97 -12.06 -28.13
C PRO A 147 44.58 -13.53 -28.34
N ALA A 148 45.32 -14.23 -29.20
CA ALA A 148 45.14 -15.67 -29.33
C ALA A 148 46.43 -16.42 -29.04
N SER A 149 47.52 -16.04 -29.71
CA SER A 149 48.81 -16.68 -29.50
C SER A 149 49.50 -16.07 -28.29
N VAL A 150 49.80 -16.90 -27.29
CA VAL A 150 50.59 -16.46 -26.15
C VAL A 150 51.51 -17.58 -25.69
N SER A 151 52.74 -17.57 -26.21
CA SER A 151 53.73 -18.57 -25.84
C SER A 151 54.40 -18.21 -24.52
N GLY A 152 54.62 -19.20 -23.68
CA GLY A 152 55.28 -18.96 -22.41
C GLY A 152 56.07 -20.15 -21.90
N SER A 153 57.38 -20.00 -21.77
CA SER A 153 58.20 -21.05 -21.19
C SER A 153 58.01 -21.07 -19.67
N PRO A 154 58.13 -22.25 -19.04
CA PRO A 154 57.83 -22.36 -17.60
C PRO A 154 58.72 -21.46 -16.76
N GLY A 155 58.24 -21.14 -15.55
CA GLY A 155 59.00 -20.30 -14.64
C GLY A 155 59.23 -18.89 -15.13
N GLN A 156 58.30 -18.36 -15.91
CA GLN A 156 58.37 -16.98 -16.40
C GLN A 156 56.99 -16.36 -16.24
N SER A 157 56.83 -15.11 -16.66
CA SER A 157 55.59 -14.37 -16.44
C SER A 157 55.12 -13.74 -17.74
N ILE A 158 53.95 -14.15 -18.21
CA ILE A 158 53.31 -13.59 -19.39
C ILE A 158 51.94 -13.05 -18.97
N THR A 159 51.44 -12.11 -19.75
CA THR A 159 50.24 -11.36 -19.37
C THR A 159 49.30 -11.20 -20.56
N ILE A 160 48.00 -11.26 -20.31
CA ILE A 160 46.97 -11.27 -21.34
C ILE A 160 46.21 -9.93 -21.33
N SER A 161 45.84 -9.46 -22.51
CA SER A 161 45.22 -8.15 -22.69
C SER A 161 43.75 -8.31 -23.02
N CYS A 162 42.89 -7.79 -22.15
CA CYS A 162 41.45 -7.69 -22.40
C CYS A 162 41.12 -6.21 -22.59
N THR A 163 40.88 -5.80 -23.83
CA THR A 163 40.72 -4.40 -24.18
C THR A 163 39.25 -4.10 -24.49
N GLY A 164 38.68 -3.14 -23.75
CA GLY A 164 37.33 -2.64 -23.99
C GLY A 164 37.37 -1.16 -24.26
N ALA A 165 36.22 -0.47 -24.20
CA ALA A 165 36.19 0.94 -24.57
C ALA A 165 35.14 1.67 -23.72
N SER A 166 35.55 2.06 -22.51
CA SER A 166 34.79 2.96 -21.65
C SER A 166 33.48 2.36 -21.14
N SER A 167 32.55 2.03 -22.03
CA SER A 167 31.28 1.44 -21.60
C SER A 167 31.51 0.11 -20.90
N ASP A 168 32.43 -0.71 -21.41
CA ASP A 168 32.85 -1.95 -20.78
C ASP A 168 34.27 -1.82 -20.25
N VAL A 169 34.51 -2.37 -19.05
CA VAL A 169 35.83 -2.40 -18.43
C VAL A 169 36.29 -1.01 -18.02
N GLY A 170 36.33 -0.09 -18.97
CA GLY A 170 36.82 1.25 -18.73
C GLY A 170 36.07 2.02 -17.67
N GLY A 171 34.77 2.23 -17.91
CA GLY A 171 33.98 3.03 -16.98
C GLY A 171 33.71 2.33 -15.66
N TYR A 172 33.59 1.01 -15.67
CA TYR A 172 33.21 0.24 -14.51
C TYR A 172 34.38 -0.59 -14.05
N ASP A 173 34.74 -0.47 -12.77
CA ASP A 173 35.70 -1.40 -12.20
C ASP A 173 35.00 -2.75 -11.96
N TYR A 174 34.48 -3.34 -13.06
CA TYR A 174 33.71 -4.59 -13.05
C TYR A 174 34.28 -5.50 -14.15
N VAL A 175 35.35 -6.23 -13.85
CA VAL A 175 35.96 -7.14 -14.82
C VAL A 175 36.24 -8.47 -14.15
N SER A 176 35.82 -9.56 -14.80
CA SER A 176 36.05 -10.90 -14.32
C SER A 176 36.93 -11.68 -15.28
N TRP A 177 37.52 -12.76 -14.77
CA TRP A 177 38.48 -13.56 -15.52
C TRP A 177 38.25 -15.04 -15.21
N TYR A 178 38.21 -15.86 -16.27
CA TYR A 178 37.86 -17.27 -16.13
C TYR A 178 38.87 -18.18 -16.80
N GLN A 179 39.06 -19.35 -16.20
CA GLN A 179 39.93 -20.41 -16.70
C GLN A 179 39.06 -21.56 -17.18
N GLN A 180 39.11 -21.84 -18.48
CA GLN A 180 38.40 -22.98 -19.05
C GLN A 180 39.40 -23.91 -19.71
N HIS A 181 39.41 -25.18 -19.28
CA HIS A 181 40.27 -26.22 -19.82
C HIS A 181 39.58 -26.92 -20.98
N PRO A 182 40.36 -27.41 -21.97
CA PRO A 182 39.75 -27.98 -23.19
C PRO A 182 38.77 -29.11 -22.90
N GLY A 183 37.47 -28.84 -23.09
CA GLY A 183 36.44 -29.81 -22.84
C GLY A 183 36.08 -29.97 -21.36
N LYS A 184 35.75 -28.87 -20.71
CA LYS A 184 35.40 -28.87 -19.29
C LYS A 184 34.76 -27.53 -18.97
N ALA A 185 34.24 -27.41 -17.75
CA ALA A 185 33.56 -26.20 -17.33
C ALA A 185 34.56 -25.08 -17.05
N PRO A 186 34.12 -23.82 -17.16
CA PRO A 186 34.98 -22.70 -16.76
C PRO A 186 34.98 -22.50 -15.24
N LYS A 187 36.15 -22.17 -14.71
CA LYS A 187 36.34 -21.85 -13.31
C LYS A 187 36.60 -20.36 -13.15
N LEU A 188 36.17 -19.80 -12.02
CA LEU A 188 36.39 -18.39 -11.78
C LEU A 188 37.78 -18.13 -11.23
N LEU A 189 38.43 -17.08 -11.75
CA LEU A 189 39.76 -16.69 -11.30
C LEU A 189 39.75 -15.33 -10.61
N ILE A 190 39.24 -14.29 -11.27
CA ILE A 190 39.27 -12.93 -10.75
C ILE A 190 37.88 -12.33 -10.83
N TYR A 191 37.44 -11.68 -9.75
CA TYR A 191 36.22 -10.90 -9.72
C TYR A 191 36.55 -9.48 -9.24
N ASP A 192 35.56 -8.60 -9.37
CA ASP A 192 35.77 -7.16 -9.21
C ASP A 192 36.82 -6.66 -10.21
N VAL A 193 38.04 -6.37 -9.77
CA VAL A 193 39.11 -6.07 -10.72
C VAL A 193 40.38 -6.83 -10.36
N SER A 194 40.56 -7.09 -9.07
CA SER A 194 41.75 -7.80 -8.61
C SER A 194 41.45 -8.85 -7.55
N ASP A 195 40.25 -8.87 -6.97
CA ASP A 195 39.92 -9.85 -5.96
C ASP A 195 39.76 -11.24 -6.59
N ARG A 196 40.04 -12.27 -5.80
CA ARG A 196 39.93 -13.64 -6.27
C ARG A 196 39.18 -14.49 -5.25
N PRO A 197 38.47 -15.51 -5.70
CA PRO A 197 37.77 -16.40 -4.78
C PRO A 197 38.72 -17.43 -4.20
N SER A 198 38.18 -18.31 -3.36
CA SER A 198 38.96 -19.39 -2.78
C SER A 198 39.36 -20.39 -3.86
N GLY A 199 40.29 -21.27 -3.50
CA GLY A 199 40.74 -22.33 -4.38
C GLY A 199 41.52 -21.79 -5.56
N VAL A 200 41.92 -20.53 -5.46
CA VAL A 200 42.57 -19.82 -6.54
C VAL A 200 43.99 -19.52 -6.09
N SER A 201 44.96 -19.95 -6.89
CA SER A 201 46.37 -19.80 -6.53
C SER A 201 46.76 -18.32 -6.46
N ASN A 202 47.74 -18.03 -5.61
CA ASN A 202 48.26 -16.67 -5.49
C ASN A 202 48.71 -16.15 -6.85
N ARG A 203 49.25 -17.02 -7.68
CA ARG A 203 49.81 -16.64 -8.97
C ARG A 203 48.77 -15.96 -9.86
N PHE A 204 47.49 -16.28 -9.67
CA PHE A 204 46.42 -15.59 -10.39
C PHE A 204 46.25 -14.19 -9.82
N SER A 205 46.30 -13.19 -10.70
CA SER A 205 46.25 -11.79 -10.28
C SER A 205 45.96 -10.87 -11.45
N GLY A 206 45.01 -9.95 -11.29
CA GLY A 206 44.56 -9.13 -12.40
C GLY A 206 44.49 -7.65 -12.05
N SER A 207 44.61 -6.82 -13.09
CA SER A 207 44.71 -5.38 -12.94
C SER A 207 43.85 -4.67 -13.98
N LYS A 208 43.91 -3.34 -13.97
CA LYS A 208 43.17 -2.48 -14.89
C LYS A 208 43.94 -1.18 -15.02
N SER A 209 43.93 -0.62 -16.23
CA SER A 209 44.59 0.66 -16.50
C SER A 209 43.84 1.34 -17.63
N GLY A 210 42.84 2.13 -17.27
CA GLY A 210 42.05 2.83 -18.26
C GLY A 210 41.02 1.93 -18.91
N ASN A 211 41.20 1.67 -20.21
CA ASN A 211 40.27 0.86 -20.98
C ASN A 211 40.69 -0.61 -21.09
N THR A 212 41.84 -0.99 -20.52
CA THR A 212 42.36 -2.34 -20.67
C THR A 212 42.61 -2.95 -19.30
N ALA A 213 42.02 -4.12 -19.06
CA ALA A 213 42.34 -4.94 -17.90
C ALA A 213 43.35 -6.01 -18.31
N SER A 214 44.13 -6.49 -17.35
CA SER A 214 45.18 -7.44 -17.66
C SER A 214 45.34 -8.43 -16.51
N LEU A 215 45.24 -9.72 -16.83
CA LEU A 215 45.46 -10.80 -15.87
C LEU A 215 46.88 -11.32 -16.04
N THR A 216 47.62 -11.39 -14.93
CA THR A 216 49.02 -11.80 -14.95
C THR A 216 49.20 -13.11 -14.20
N ILE A 217 50.20 -13.87 -14.62
CA ILE A 217 50.47 -15.19 -14.09
C ILE A 217 51.98 -15.41 -14.11
N SER A 218 52.54 -15.83 -12.97
CA SER A 218 53.98 -16.00 -12.84
C SER A 218 54.30 -17.38 -12.25
N GLY A 219 55.46 -17.89 -12.61
CA GLY A 219 55.82 -19.26 -12.27
C GLY A 219 54.93 -20.23 -13.01
N LEU A 220 55.01 -20.21 -14.33
CA LEU A 220 54.10 -21.01 -15.15
C LEU A 220 54.32 -22.50 -14.91
N GLN A 221 53.21 -23.23 -14.86
CA GLN A 221 53.20 -24.67 -14.64
C GLN A 221 52.63 -25.35 -15.88
N THR A 222 52.43 -26.66 -15.78
CA THR A 222 51.86 -27.42 -16.89
C THR A 222 50.34 -27.41 -16.87
N GLU A 223 49.74 -27.41 -15.68
CA GLU A 223 48.28 -27.34 -15.55
C GLU A 223 47.70 -26.07 -16.16
N ASP A 224 48.53 -25.08 -16.50
CA ASP A 224 48.07 -23.76 -16.87
C ASP A 224 47.93 -23.57 -18.38
N GLU A 225 48.45 -24.50 -19.19
CA GLU A 225 48.17 -24.48 -20.62
C GLU A 225 46.68 -24.66 -20.86
N ALA A 226 46.00 -23.59 -21.25
CA ALA A 226 44.55 -23.60 -21.41
C ALA A 226 44.12 -22.34 -22.15
N ASP A 227 42.80 -22.16 -22.25
CA ASP A 227 42.19 -20.95 -22.80
C ASP A 227 41.57 -20.13 -21.68
N TYR A 228 41.63 -18.81 -21.84
CA TYR A 228 41.24 -17.88 -20.78
C TYR A 228 40.39 -16.77 -21.36
N TYR A 229 39.41 -16.31 -20.56
CA TYR A 229 38.39 -15.38 -21.00
C TYR A 229 38.23 -14.23 -20.01
N CYS A 230 37.62 -13.15 -20.48
CA CYS A 230 37.29 -11.99 -19.65
C CYS A 230 35.86 -11.54 -19.92
N SER A 231 35.25 -10.91 -18.90
CA SER A 231 33.90 -10.37 -19.03
C SER A 231 33.76 -9.13 -18.17
N SER A 232 32.84 -8.25 -18.55
CA SER A 232 32.61 -7.01 -17.83
C SER A 232 31.16 -6.59 -17.95
N TYR A 233 30.68 -5.84 -16.96
CA TYR A 233 29.46 -5.08 -17.15
C TYR A 233 29.67 -4.10 -18.32
N THR A 234 28.56 -3.72 -18.96
CA THR A 234 28.65 -3.05 -20.25
C THR A 234 28.07 -1.64 -20.30
N SER A 235 27.47 -1.15 -19.21
CA SER A 235 26.77 0.14 -19.15
C SER A 235 25.44 0.08 -19.90
N LYS A 236 25.28 -0.93 -20.76
CA LYS A 236 24.02 -1.17 -21.46
C LYS A 236 23.17 -2.21 -20.75
N ASN A 237 23.49 -2.56 -19.50
CA ASN A 237 22.77 -3.57 -18.73
C ASN A 237 22.96 -4.98 -19.29
N THR A 238 24.08 -5.23 -19.95
CA THR A 238 24.38 -6.56 -20.47
C THR A 238 25.76 -7.05 -20.04
N LEU A 239 26.19 -8.19 -20.60
CA LEU A 239 27.49 -8.76 -20.29
C LEU A 239 28.24 -9.05 -21.59
N ILE A 240 29.53 -8.71 -21.61
CA ILE A 240 30.34 -8.87 -22.83
C ILE A 240 31.47 -9.84 -22.54
N PHE A 241 31.70 -10.77 -23.46
CA PHE A 241 32.73 -11.79 -23.33
C PHE A 241 33.76 -11.63 -24.42
N GLY A 242 35.04 -11.84 -24.07
CA GLY A 242 36.13 -11.65 -24.98
C GLY A 242 36.31 -12.80 -25.97
N GLY A 243 37.43 -12.76 -26.67
CA GLY A 243 37.77 -13.78 -27.65
C GLY A 243 38.20 -15.10 -27.05
N GLY A 244 39.27 -15.07 -26.26
CA GLY A 244 39.82 -16.29 -25.68
C GLY A 244 41.22 -16.55 -26.17
N THR A 245 42.17 -16.70 -25.25
CA THR A 245 43.58 -16.79 -25.58
C THR A 245 44.14 -18.16 -25.24
N LYS A 246 44.97 -18.70 -26.15
CA LYS A 246 45.53 -20.04 -26.04
C LYS A 246 46.94 -19.95 -25.44
N LEU A 247 47.07 -20.32 -24.17
CA LEU A 247 48.37 -20.34 -23.52
C LEU A 247 49.09 -21.65 -23.85
N THR A 248 50.34 -21.55 -24.29
CA THR A 248 51.16 -22.71 -24.63
C THR A 248 52.37 -22.73 -23.73
N VAL A 249 52.56 -23.85 -23.01
CA VAL A 249 53.71 -24.05 -22.14
C VAL A 249 54.79 -24.80 -22.91
N LEU A 250 56.04 -24.53 -22.55
CA LEU A 250 57.18 -25.05 -23.30
C LEU A 250 58.14 -25.84 -22.41
N GLN B 30 -36.85 7.79 -1.34
CA GLN B 30 -37.52 8.90 -2.02
C GLN B 30 -37.31 10.31 -1.45
N ASN B 31 -38.43 10.87 -1.02
CA ASN B 31 -38.52 12.22 -0.46
C ASN B 31 -38.37 12.22 1.05
N ILE B 32 -37.38 12.99 1.53
CA ILE B 32 -37.10 13.16 2.95
C ILE B 32 -38.09 14.18 3.53
N THR B 33 -38.74 13.79 4.62
CA THR B 33 -39.76 14.54 5.35
C THR B 33 -39.38 14.65 6.83
N GLU B 34 -40.10 15.54 7.52
CA GLU B 34 -39.89 15.84 8.93
C GLU B 34 -41.19 15.89 9.69
N GLU B 35 -41.09 15.60 10.98
CA GLU B 35 -42.20 15.64 11.92
C GLU B 35 -41.63 16.23 13.21
N PHE B 36 -42.09 17.40 13.59
CA PHE B 36 -41.70 18.03 14.84
C PHE B 36 -42.75 17.72 15.89
N TYR B 37 -42.29 17.27 17.05
CA TYR B 37 -43.18 16.90 18.15
C TYR B 37 -43.11 17.98 19.23
N GLN B 38 -44.16 18.80 19.26
CA GLN B 38 -44.29 19.88 20.23
C GLN B 38 -44.31 19.34 21.65
N SER B 39 -44.77 18.10 21.82
CA SER B 39 -44.90 17.50 23.14
C SER B 39 -43.54 17.21 23.77
N THR B 40 -42.54 16.90 22.97
CA THR B 40 -41.24 16.52 23.48
C THR B 40 -40.12 17.46 23.09
N CYS B 41 -40.41 18.56 22.37
CA CYS B 41 -39.40 19.53 21.96
C CYS B 41 -38.29 18.82 21.19
N SER B 42 -38.71 18.01 20.21
CA SER B 42 -37.83 17.19 19.40
C SER B 42 -38.35 17.14 17.98
N ALA B 43 -37.44 16.87 17.05
CA ALA B 43 -37.77 16.76 15.63
C ALA B 43 -37.13 15.48 15.12
N VAL B 44 -37.80 14.83 14.18
CA VAL B 44 -37.29 13.59 13.59
C VAL B 44 -37.29 13.72 12.07
N SER B 45 -36.12 13.57 11.45
CA SER B 45 -35.99 13.63 10.00
C SER B 45 -36.00 12.20 9.46
N LYS B 46 -37.07 11.84 8.76
CA LYS B 46 -37.22 10.49 8.22
C LYS B 46 -36.96 10.53 6.71
N GLY B 47 -36.82 9.36 6.10
CA GLY B 47 -36.73 9.27 4.65
C GLY B 47 -35.33 9.10 4.07
N TYR B 48 -34.31 9.00 4.91
CA TYR B 48 -32.94 8.86 4.43
C TYR B 48 -32.66 7.41 4.10
N LEU B 49 -31.86 7.18 3.05
CA LEU B 49 -31.48 5.81 2.70
C LEU B 49 -30.06 5.58 3.23
N GLY B 50 -29.94 4.59 4.12
CA GLY B 50 -28.72 4.30 4.84
C GLY B 50 -27.86 3.17 4.30
N ALA B 51 -26.56 3.30 4.56
CA ALA B 51 -25.52 2.31 4.27
C ALA B 51 -24.64 2.14 5.53
N LEU B 52 -24.90 1.08 6.29
CA LEU B 52 -24.22 0.81 7.55
C LEU B 52 -23.05 -0.14 7.30
N ARG B 53 -21.88 0.19 7.85
CA ARG B 53 -20.70 -0.64 7.72
C ARG B 53 -20.76 -1.82 8.68
N THR B 54 -20.62 -3.03 8.13
CA THR B 54 -20.66 -4.25 8.94
C THR B 54 -19.45 -5.15 8.79
N GLY B 55 -18.62 -4.96 7.76
CA GLY B 55 -17.45 -5.77 7.55
C GLY B 55 -16.29 -4.97 7.00
N TRP B 56 -15.16 -5.65 6.85
CA TRP B 56 -13.94 -5.05 6.32
C TRP B 56 -13.49 -5.93 5.16
N TYR B 57 -12.98 -5.29 4.10
CA TYR B 57 -12.37 -5.99 2.99
C TYR B 57 -10.92 -5.55 2.90
N THR B 58 -9.99 -6.43 3.24
CA THR B 58 -8.59 -6.05 3.21
C THR B 58 -7.98 -6.40 1.86
N SER B 59 -6.97 -5.63 1.47
CA SER B 59 -6.25 -5.85 0.22
C SER B 59 -4.80 -5.43 0.41
N VAL B 60 -3.88 -6.19 -0.19
CA VAL B 60 -2.45 -5.93 -0.05
C VAL B 60 -2.00 -5.07 -1.22
N ILE B 61 -1.32 -3.97 -0.93
CA ILE B 61 -0.77 -3.06 -1.91
C ILE B 61 0.75 -3.13 -1.78
N THR B 62 1.41 -3.55 -2.85
CA THR B 62 2.85 -3.73 -2.86
C THR B 62 3.53 -2.67 -3.72
N ILE B 63 4.74 -2.30 -3.32
CA ILE B 63 5.61 -1.43 -4.08
C ILE B 63 6.97 -2.10 -4.16
N GLU B 64 7.38 -2.46 -5.37
CA GLU B 64 8.63 -3.17 -5.61
C GLU B 64 9.79 -2.18 -5.41
N LEU B 65 10.62 -2.41 -4.39
CA LEU B 65 11.72 -1.51 -4.09
C LEU B 65 13.05 -2.09 -4.55
N SER B 66 14.08 -1.23 -4.55
CA SER B 66 15.43 -1.63 -4.98
C SER B 66 16.44 -1.61 -3.83
N ASN B 67 17.02 -2.77 -3.56
CA ASN B 67 18.06 -3.03 -2.56
C ASN B 67 19.38 -2.64 -3.22
N ILE B 68 19.90 -1.43 -2.98
CA ILE B 68 21.14 -1.09 -3.66
C ILE B 68 22.23 -0.64 -2.70
N LYS B 69 23.46 -0.85 -3.16
CA LYS B 69 24.70 -0.45 -2.50
C LYS B 69 25.42 0.60 -3.36
N GLU B 70 24.92 1.83 -3.36
CA GLU B 70 25.51 2.84 -4.23
C GLU B 70 26.94 3.08 -3.77
N ASN B 71 27.86 3.26 -4.72
CA ASN B 71 29.24 3.50 -4.33
C ASN B 71 29.85 4.76 -4.94
N LYS B 72 30.58 5.46 -4.07
CA LYS B 72 31.32 6.70 -4.23
C LYS B 72 32.01 6.89 -5.57
N CYS B 73 31.77 8.01 -6.24
CA CYS B 73 32.50 8.30 -7.46
C CYS B 73 33.00 9.73 -7.34
N ASN B 74 33.95 10.13 -8.17
CA ASN B 74 34.36 11.53 -8.17
C ASN B 74 33.18 12.31 -8.76
N GLY B 75 32.44 13.03 -7.94
CA GLY B 75 31.31 13.81 -8.40
C GLY B 75 31.33 15.21 -7.82
N THR B 76 31.05 16.16 -8.66
CA THR B 76 31.06 17.59 -8.42
C THR B 76 29.93 18.26 -9.16
N ASP B 77 29.79 17.99 -10.46
CA ASP B 77 28.78 18.66 -11.27
C ASP B 77 27.38 18.47 -10.70
N ALA B 78 26.55 19.49 -10.91
CA ALA B 78 25.30 19.57 -10.14
C ALA B 78 24.40 18.38 -10.40
N LYS B 79 24.52 17.77 -11.57
CA LYS B 79 23.66 16.65 -11.91
C LYS B 79 23.99 15.40 -11.10
N VAL B 80 25.27 15.15 -10.85
CA VAL B 80 25.63 14.01 -10.02
C VAL B 80 25.19 14.23 -8.59
N LYS B 81 25.38 15.44 -8.06
CA LYS B 81 24.93 15.74 -6.71
C LYS B 81 23.41 15.62 -6.61
N LEU B 82 22.66 16.13 -7.59
CA LEU B 82 21.20 16.04 -7.51
C LEU B 82 20.75 14.58 -7.52
N ILE B 83 21.39 13.76 -8.36
CA ILE B 83 21.04 12.35 -8.39
C ILE B 83 21.36 11.71 -7.05
N LYS B 84 22.55 11.97 -6.52
CA LYS B 84 22.95 11.39 -5.24
C LYS B 84 22.09 11.89 -4.09
N GLN B 85 21.63 13.14 -4.15
CA GLN B 85 20.71 13.69 -3.14
C GLN B 85 19.38 12.97 -3.16
N GLU B 86 18.78 12.86 -4.35
CA GLU B 86 17.51 12.14 -4.43
C GLU B 86 17.70 10.66 -4.09
N LEU B 87 18.88 10.12 -4.40
CA LEU B 87 19.17 8.73 -4.09
C LEU B 87 19.33 8.53 -2.59
N ASP B 88 19.87 9.53 -1.90
CA ASP B 88 19.99 9.46 -0.45
C ASP B 88 18.63 9.58 0.21
N LYS B 89 17.74 10.41 -0.36
CA LYS B 89 16.38 10.44 0.19
C LYS B 89 15.67 9.11 -0.02
N TYR B 90 15.97 8.40 -1.11
CA TYR B 90 15.44 7.05 -1.24
C TYR B 90 16.05 6.07 -0.24
N LYS B 91 17.34 6.18 0.05
CA LYS B 91 17.94 5.22 0.98
C LYS B 91 17.45 5.44 2.39
N ASN B 92 17.45 6.71 2.82
CA ASN B 92 16.96 7.03 4.16
CA ASN B 92 16.97 7.00 4.16
C ASN B 92 15.48 6.72 4.30
N ALA B 93 14.70 6.87 3.23
CA ALA B 93 13.30 6.50 3.31
C ALA B 93 13.13 5.00 3.50
N VAL B 94 13.97 4.20 2.84
CA VAL B 94 13.85 2.76 3.03
C VAL B 94 14.30 2.34 4.43
N THR B 95 15.39 2.92 4.94
CA THR B 95 15.81 2.54 6.29
C THR B 95 14.85 3.05 7.35
N ASP B 96 14.22 4.21 7.13
CA ASP B 96 13.24 4.71 8.08
C ASP B 96 12.02 3.81 8.11
N LEU B 97 11.58 3.33 6.94
CA LEU B 97 10.46 2.40 6.91
C LEU B 97 10.83 1.05 7.49
N GLN B 98 12.11 0.68 7.49
CA GLN B 98 12.52 -0.59 8.07
C GLN B 98 12.49 -0.52 9.59
N LEU B 99 13.02 0.59 10.14
CA LEU B 99 12.96 0.75 11.58
C LEU B 99 11.53 1.02 12.04
N LEU B 100 10.64 1.40 11.11
CA LEU B 100 9.25 1.54 11.51
C LEU B 100 8.60 0.19 11.78
N MET B 101 8.99 -0.87 11.08
CA MET B 101 8.36 -2.15 11.38
C MET B 101 9.15 -2.87 12.45
N GLN B 102 10.41 -2.47 12.61
CA GLN B 102 11.22 -2.93 13.74
C GLN B 102 10.65 -2.45 15.08
N SER B 103 10.17 -1.20 15.17
CA SER B 103 9.59 -0.73 16.45
C SER B 103 8.27 0.05 16.45
N THR B 104 7.18 -0.52 15.88
CA THR B 104 5.84 0.08 15.81
C THR B 104 4.82 -0.68 16.68
N PRO B 105 5.12 -0.96 17.95
CA PRO B 105 4.17 -1.70 18.80
C PRO B 105 2.86 -1.01 19.16
N ALA B 106 2.79 0.32 19.15
CA ALA B 106 1.54 0.98 19.50
C ALA B 106 0.44 0.74 18.48
N THR B 107 -0.80 0.68 18.99
CA THR B 107 -2.01 0.45 18.22
C THR B 107 -2.92 1.65 18.41
N GLY B 108 -3.37 2.24 17.29
CA GLY B 108 -4.30 3.36 17.35
C GLY B 108 -5.70 2.98 17.79
N SER B 109 -6.29 1.99 17.12
CA SER B 109 -7.63 1.53 17.48
C SER B 109 -7.66 0.00 17.38
N GLY B 110 -7.50 -0.66 18.52
CA GLY B 110 -7.46 -2.11 18.50
C GLY B 110 -8.74 -2.76 18.01
N SER B 111 -9.89 -2.12 18.25
CA SER B 111 -11.12 -2.72 17.75
C SER B 111 -11.35 -2.55 16.25
N ALA B 112 -10.52 -1.80 15.51
CA ALA B 112 -10.83 -1.69 14.10
C ALA B 112 -9.69 -2.07 13.16
N ILE B 113 -8.51 -2.40 13.66
CA ILE B 113 -7.43 -2.76 12.75
C ILE B 113 -6.96 -4.18 12.97
N CYS B 114 -7.72 -4.98 13.72
CA CYS B 114 -7.36 -6.38 13.96
C CYS B 114 -7.33 -7.18 12.66
N SER B 115 -8.32 -6.98 11.79
CA SER B 115 -8.41 -7.76 10.57
CA SER B 115 -8.41 -7.76 10.57
C SER B 115 -7.22 -7.52 9.66
N GLY B 116 -6.72 -6.29 9.61
CA GLY B 116 -5.54 -6.02 8.82
C GLY B 116 -4.24 -6.39 9.52
N VAL B 117 -4.19 -6.23 10.84
CA VAL B 117 -2.99 -6.60 11.56
C VAL B 117 -2.75 -8.10 11.43
N ALA B 118 -3.82 -8.91 11.39
CA ALA B 118 -3.61 -10.34 11.19
C ALA B 118 -2.98 -10.62 9.84
N VAL B 119 -3.26 -9.77 8.84
CA VAL B 119 -2.66 -10.02 7.53
C VAL B 119 -1.20 -9.62 7.55
N CYS B 120 -0.87 -8.54 8.26
CA CYS B 120 0.55 -8.17 8.35
C CYS B 120 1.33 -9.22 9.13
N LYS B 121 0.69 -9.83 10.14
CA LYS B 121 1.39 -10.86 10.88
C LYS B 121 1.57 -12.12 10.03
N VAL B 122 0.65 -12.37 9.10
CA VAL B 122 0.83 -13.52 8.20
C VAL B 122 1.96 -13.24 7.23
N LEU B 123 2.04 -11.99 6.76
CA LEU B 123 3.07 -11.57 5.83
C LEU B 123 4.45 -11.60 6.46
N HIS B 124 4.53 -11.44 7.78
CA HIS B 124 5.83 -11.47 8.44
C HIS B 124 6.47 -12.85 8.44
N LEU B 125 5.73 -13.90 8.11
CA LEU B 125 6.34 -15.22 8.01
C LEU B 125 7.27 -15.30 6.79
N GLU B 126 8.31 -16.12 6.91
CA GLU B 126 9.27 -16.32 5.85
C GLU B 126 8.67 -17.15 4.73
N GLY B 127 8.76 -16.64 3.50
CA GLY B 127 8.23 -17.32 2.35
C GLY B 127 6.86 -16.85 1.91
N GLU B 128 6.17 -16.07 2.75
CA GLU B 128 4.84 -15.62 2.37
C GLU B 128 4.97 -14.41 1.45
N VAL B 129 5.94 -13.55 1.76
CA VAL B 129 6.23 -12.44 0.87
C VAL B 129 6.77 -12.97 -0.45
N ASN B 130 7.46 -14.13 -0.42
CA ASN B 130 7.93 -14.72 -1.68
C ASN B 130 6.74 -15.21 -2.50
N LYS B 131 5.64 -15.54 -1.82
CA LYS B 131 4.47 -16.04 -2.50
C LYS B 131 3.78 -14.89 -3.23
N ILE B 132 3.51 -13.80 -2.52
CA ILE B 132 2.90 -12.68 -3.23
C ILE B 132 3.86 -12.12 -4.28
N LYS B 133 5.19 -12.19 -4.06
CA LYS B 133 6.13 -11.73 -5.09
C LYS B 133 6.07 -12.59 -6.34
N SER B 134 5.69 -13.86 -6.19
CA SER B 134 5.60 -14.72 -7.35
C SER B 134 4.26 -14.56 -8.07
N ALA B 135 3.16 -14.39 -7.34
CA ALA B 135 1.87 -14.27 -8.01
C ALA B 135 1.72 -12.97 -8.81
N LEU B 136 2.28 -11.85 -8.33
CA LEU B 136 2.24 -10.56 -9.06
C LEU B 136 3.44 -10.32 -9.97
N LEU B 137 3.96 -11.37 -10.60
CA LEU B 137 5.13 -11.27 -11.48
C LEU B 137 4.80 -10.73 -12.87
N SER B 138 3.59 -10.95 -13.36
CA SER B 138 3.23 -10.57 -14.72
C SER B 138 2.14 -9.51 -14.80
N THR B 139 1.32 -9.36 -13.78
CA THR B 139 0.19 -8.45 -13.81
C THR B 139 0.32 -7.46 -12.65
N ASN B 140 -0.49 -6.41 -12.69
CA ASN B 140 -0.49 -5.44 -11.60
C ASN B 140 -1.31 -5.96 -10.42
N LYS B 141 -2.43 -6.60 -10.71
CA LYS B 141 -3.34 -7.14 -9.72
C LYS B 141 -3.35 -8.66 -9.79
N ALA B 142 -3.54 -9.29 -8.63
CA ALA B 142 -3.58 -10.75 -8.55
C ALA B 142 -4.08 -11.18 -7.18
N VAL B 143 -4.86 -12.25 -7.17
CA VAL B 143 -5.39 -12.91 -5.97
C VAL B 143 -4.39 -13.91 -5.44
N VAL B 144 -4.21 -13.92 -4.11
CA VAL B 144 -3.23 -14.79 -3.45
C VAL B 144 -3.93 -15.54 -2.32
N SER B 145 -3.81 -16.85 -2.32
CA SER B 145 -4.30 -17.72 -1.25
C SER B 145 -3.19 -17.90 -0.23
N LEU B 146 -3.38 -17.31 0.94
CA LEU B 146 -2.42 -17.33 2.03
C LEU B 146 -2.47 -18.70 2.69
N SER B 147 -1.62 -18.92 3.70
CA SER B 147 -1.67 -20.22 4.34
C SER B 147 -2.74 -20.31 5.40
N ASN B 148 -3.24 -19.17 5.88
CA ASN B 148 -4.32 -19.19 6.84
C ASN B 148 -5.68 -19.12 6.17
N GLY B 149 -5.70 -19.35 4.86
CA GLY B 149 -6.88 -19.38 4.02
C GLY B 149 -7.50 -18.14 3.38
N PRO B 150 -7.35 -16.91 3.90
CA PRO B 150 -7.96 -15.77 3.20
C PRO B 150 -7.40 -15.56 1.80
N SER B 151 -8.31 -15.26 0.88
CA SER B 151 -7.99 -15.00 -0.52
C SER B 151 -7.92 -13.49 -0.69
N VAL B 152 -6.74 -12.92 -0.45
CA VAL B 152 -6.59 -11.46 -0.44
C VAL B 152 -6.16 -11.03 -1.83
N LEU B 153 -6.46 -9.79 -2.17
CA LEU B 153 -6.09 -9.22 -3.46
C LEU B 153 -4.85 -8.33 -3.33
N THR B 154 -3.79 -8.66 -4.06
CA THR B 154 -2.51 -7.98 -3.97
C THR B 154 -2.32 -7.11 -5.22
N SER B 155 -1.77 -5.92 -5.03
CA SER B 155 -1.67 -4.96 -6.12
C SER B 155 -0.33 -4.25 -6.06
N LYS B 156 0.41 -4.30 -7.18
CA LYS B 156 1.68 -3.60 -7.32
C LYS B 156 1.44 -2.24 -7.96
N VAL B 157 1.33 -1.21 -7.14
CA VAL B 157 0.95 0.10 -7.63
C VAL B 157 2.12 0.96 -8.09
N LEU B 158 3.35 0.60 -7.73
CA LEU B 158 4.52 1.38 -8.11
C LEU B 158 5.71 0.45 -8.27
N ASP B 159 6.50 0.68 -9.31
CA ASP B 159 7.66 -0.16 -9.62
C ASP B 159 8.89 0.73 -9.69
N LEU B 160 9.53 0.93 -8.55
CA LEU B 160 10.76 1.70 -8.48
C LEU B 160 12.01 0.86 -8.74
N LYS B 161 11.94 -0.44 -8.46
CA LYS B 161 13.08 -1.31 -8.73
C LYS B 161 13.39 -1.39 -10.21
N ASN B 162 12.37 -1.40 -11.06
CA ASN B 162 12.61 -1.45 -12.50
C ASN B 162 13.32 -0.19 -12.98
N TYR B 163 12.95 0.97 -12.43
CA TYR B 163 13.53 2.23 -12.85
C TYR B 163 14.94 2.38 -12.28
N ILE B 164 15.16 1.97 -11.04
CA ILE B 164 16.47 2.14 -10.43
C ILE B 164 17.46 1.20 -11.11
N ASP B 165 17.06 -0.05 -11.35
CA ASP B 165 17.98 -1.02 -11.91
C ASP B 165 18.23 -0.76 -13.40
N LYS B 166 17.28 -0.12 -14.09
CA LYS B 166 17.51 0.10 -15.52
C LYS B 166 18.10 1.47 -15.87
N GLN B 167 17.64 2.55 -15.22
CA GLN B 167 18.04 3.90 -15.58
C GLN B 167 19.03 4.61 -14.67
N LEU B 168 19.16 4.24 -13.41
CA LEU B 168 20.00 5.01 -12.49
C LEU B 168 21.31 4.36 -12.08
N LEU B 169 21.32 3.07 -11.74
CA LEU B 169 22.57 2.45 -11.29
C LEU B 169 23.69 2.45 -12.32
N PRO B 170 23.47 2.15 -13.61
CA PRO B 170 24.57 2.28 -14.57
C PRO B 170 25.14 3.68 -14.71
N ILE B 171 24.43 4.72 -14.28
CA ILE B 171 24.97 6.07 -14.38
C ILE B 171 25.79 6.49 -13.15
N VAL B 172 25.49 5.97 -11.96
CA VAL B 172 26.14 6.46 -10.75
C VAL B 172 26.90 5.36 -10.02
N ASN B 173 27.21 4.25 -10.68
CA ASN B 173 27.98 3.18 -10.07
C ASN B 173 29.30 2.95 -10.81
N LYS B 174 29.80 3.97 -11.48
CA LYS B 174 31.06 3.88 -12.21
C LYS B 174 32.20 4.29 -11.28
N GLN B 175 33.42 4.37 -11.81
CA GLN B 175 34.54 4.84 -11.00
C GLN B 175 34.36 6.33 -10.74
N SER B 176 34.15 7.10 -11.79
CA SER B 176 33.78 8.49 -11.68
C SER B 176 32.38 8.55 -12.26
N CYS B 177 31.53 9.36 -11.65
CA CYS B 177 30.15 9.39 -12.10
C CYS B 177 30.06 9.92 -13.51
N SER B 178 29.25 9.25 -14.32
CA SER B 178 28.95 9.83 -15.60
C SER B 178 27.94 10.94 -15.38
N ILE B 179 27.91 11.86 -16.33
CA ILE B 179 27.08 13.06 -16.23
C ILE B 179 25.70 12.70 -16.78
N PRO B 180 24.67 12.64 -15.96
CA PRO B 180 23.32 12.39 -16.44
C PRO B 180 22.57 13.63 -16.89
N ASN B 181 21.69 13.43 -17.86
CA ASN B 181 20.90 14.54 -18.33
C ASN B 181 19.80 14.85 -17.31
N ILE B 182 19.31 16.08 -17.36
CA ILE B 182 18.28 16.56 -16.43
C ILE B 182 16.93 15.86 -16.54
N GLU B 183 16.60 15.24 -17.69
CA GLU B 183 15.36 14.48 -17.78
C GLU B 183 15.33 13.29 -16.83
N THR B 184 16.46 12.63 -16.65
CA THR B 184 16.51 11.52 -15.71
C THR B 184 16.31 12.02 -14.28
N VAL B 185 16.92 13.15 -13.94
CA VAL B 185 16.79 13.72 -12.60
C VAL B 185 15.33 14.04 -12.30
N ILE B 186 14.61 14.62 -13.28
CA ILE B 186 13.22 14.97 -12.99
C ILE B 186 12.34 13.72 -12.95
N GLU B 187 12.55 12.78 -13.88
CA GLU B 187 11.72 11.58 -13.85
C GLU B 187 11.94 10.79 -12.57
N PHE B 188 13.16 10.84 -12.01
CA PHE B 188 13.40 10.14 -10.77
C PHE B 188 12.81 10.87 -9.57
N GLN B 189 12.78 12.21 -9.60
CA GLN B 189 12.11 12.88 -8.49
C GLN B 189 10.61 12.62 -8.52
N GLN B 190 10.05 12.44 -9.72
CA GLN B 190 8.63 12.14 -9.85
C GLN B 190 8.32 10.73 -9.35
N LYS B 191 9.14 9.75 -9.71
CA LYS B 191 8.85 8.40 -9.25
C LYS B 191 9.09 8.27 -7.74
N ASN B 192 10.17 8.85 -7.22
CA ASN B 192 10.50 8.74 -5.79
C ASN B 192 9.57 9.54 -4.88
N ASN B 193 8.81 10.50 -5.43
CA ASN B 193 8.01 11.37 -4.57
C ASN B 193 6.93 10.58 -3.81
N ARG B 194 6.22 9.67 -4.50
CA ARG B 194 5.17 8.92 -3.83
C ARG B 194 5.72 8.07 -2.71
N LEU B 195 6.92 7.52 -2.90
CA LEU B 195 7.53 6.76 -1.82
C LEU B 195 7.83 7.65 -0.63
N LEU B 196 8.35 8.85 -0.87
CA LEU B 196 8.68 9.70 0.27
C LEU B 196 7.42 10.12 1.01
N GLU B 197 6.33 10.40 0.29
CA GLU B 197 5.11 10.82 0.98
C GLU B 197 4.44 9.67 1.73
N ILE B 198 4.53 8.44 1.21
CA ILE B 198 3.95 7.33 1.93
C ILE B 198 4.75 7.04 3.19
N THR B 199 6.08 7.10 3.08
CA THR B 199 6.91 6.93 4.28
C THR B 199 6.64 8.05 5.27
N ARG B 200 6.31 9.24 4.78
CA ARG B 200 6.01 10.35 5.69
C ARG B 200 4.75 10.08 6.49
N GLU B 201 3.70 9.59 5.80
CA GLU B 201 2.45 9.30 6.50
C GLU B 201 2.60 8.12 7.44
N PHE B 202 3.27 7.06 7.00
CA PHE B 202 3.41 5.90 7.87
C PHE B 202 4.30 6.18 9.07
N SER B 203 5.26 7.10 8.93
CA SER B 203 6.17 7.42 10.04
C SER B 203 5.51 8.30 11.10
N VAL B 204 4.79 9.34 10.70
CA VAL B 204 4.23 10.25 11.70
C VAL B 204 3.04 9.67 12.45
N ASN B 205 2.39 8.62 11.94
CA ASN B 205 1.19 8.04 12.55
C ASN B 205 1.43 6.62 13.06
N ALA B 206 2.69 6.22 13.26
CA ALA B 206 3.03 4.92 13.84
C ALA B 206 2.43 3.78 13.02
N GLY B 207 2.52 3.93 11.69
CA GLY B 207 2.11 2.92 10.73
C GLY B 207 0.64 2.80 10.40
N VAL B 208 -0.24 3.53 11.08
CA VAL B 208 -1.67 3.42 10.79
C VAL B 208 -2.25 4.80 10.46
N THR B 209 -2.58 5.00 9.20
CA THR B 209 -3.08 6.28 8.70
C THR B 209 -4.53 6.12 8.24
N THR B 210 -5.33 7.15 8.49
CA THR B 210 -6.71 7.25 8.05
C THR B 210 -7.13 8.72 8.03
N PRO B 211 -7.79 9.20 6.96
CA PRO B 211 -8.23 8.47 5.77
C PRO B 211 -7.10 8.02 4.86
N VAL B 212 -7.44 7.20 3.87
CA VAL B 212 -6.45 6.71 2.93
C VAL B 212 -6.27 7.75 1.84
N SER B 213 -5.10 8.37 1.78
CA SER B 213 -4.83 9.43 0.83
C SER B 213 -4.59 8.87 -0.56
N THR B 214 -4.57 9.77 -1.56
CA THR B 214 -4.26 9.36 -2.92
C THR B 214 -2.81 8.91 -3.05
N TYR B 215 -1.94 9.32 -2.12
CA TYR B 215 -0.59 8.79 -2.10
C TYR B 215 -0.61 7.33 -1.69
N MET B 216 -1.44 7.01 -0.70
CA MET B 216 -1.62 5.63 -0.26
C MET B 216 -2.32 4.80 -1.33
N LEU B 217 -3.33 5.36 -2.00
CA LEU B 217 -4.12 4.62 -3.00
C LEU B 217 -4.70 5.58 -4.02
N THR B 218 -4.28 5.47 -5.28
CA THR B 218 -4.77 6.36 -6.32
C THR B 218 -6.25 6.13 -6.61
N ASN B 219 -6.91 7.18 -7.11
CA ASN B 219 -8.31 7.09 -7.51
C ASN B 219 -8.54 6.01 -8.55
N SER B 220 -7.60 5.85 -9.49
CA SER B 220 -7.72 4.77 -10.46
C SER B 220 -7.64 3.42 -9.77
N GLU B 221 -6.72 3.30 -8.82
CA GLU B 221 -6.58 2.04 -8.09
C GLU B 221 -7.76 1.83 -7.16
N LEU B 222 -8.33 2.91 -6.60
CA LEU B 222 -9.46 2.74 -5.71
C LEU B 222 -10.68 2.26 -6.47
N LEU B 223 -10.97 2.90 -7.61
CA LEU B 223 -12.12 2.47 -8.39
C LEU B 223 -11.93 1.05 -8.93
N SER B 224 -10.71 0.70 -9.39
CA SER B 224 -10.50 -0.68 -9.82
C SER B 224 -10.60 -1.67 -8.66
N LEU B 225 -10.19 -1.27 -7.45
CA LEU B 225 -10.32 -2.17 -6.32
C LEU B 225 -11.76 -2.33 -5.90
N ILE B 226 -12.54 -1.25 -6.01
CA ILE B 226 -13.96 -1.35 -5.68
C ILE B 226 -14.63 -2.26 -6.70
N ASN B 227 -14.26 -2.09 -7.98
CA ASN B 227 -14.87 -2.85 -9.05
C ASN B 227 -14.57 -4.33 -8.91
N ASP B 228 -13.43 -4.66 -8.30
CA ASP B 228 -13.01 -6.06 -8.21
C ASP B 228 -13.45 -6.73 -6.90
N MET B 229 -14.37 -6.05 -6.07
CA MET B 229 -14.75 -6.59 -4.78
C MET B 229 -15.90 -7.59 -4.91
N PRO B 230 -15.95 -8.60 -4.02
CA PRO B 230 -17.08 -9.55 -3.99
C PRO B 230 -18.31 -8.96 -3.30
N ILE B 231 -18.80 -7.86 -3.86
CA ILE B 231 -19.98 -7.16 -3.36
C ILE B 231 -20.95 -6.94 -4.51
N THR B 232 -22.18 -6.57 -4.17
CA THR B 232 -23.19 -6.39 -5.19
C THR B 232 -22.85 -5.17 -6.06
N ASN B 233 -23.46 -5.13 -7.24
CA ASN B 233 -23.27 -3.99 -8.13
C ASN B 233 -23.85 -2.70 -7.58
N ASP B 234 -24.93 -2.78 -6.78
CA ASP B 234 -25.43 -1.57 -6.14
C ASP B 234 -24.45 -1.07 -5.10
N GLN B 235 -23.63 -1.97 -4.56
CA GLN B 235 -22.66 -1.56 -3.56
C GLN B 235 -21.42 -1.00 -4.23
N LYS B 236 -21.06 -1.52 -5.41
CA LYS B 236 -19.92 -0.95 -6.12
C LYS B 236 -20.27 0.44 -6.64
N LYS B 237 -21.50 0.62 -7.13
CA LYS B 237 -21.95 1.94 -7.56
C LYS B 237 -22.05 2.90 -6.39
N LEU B 238 -22.38 2.38 -5.20
CA LEU B 238 -22.49 3.24 -4.04
C LEU B 238 -21.12 3.73 -3.61
N MET B 239 -20.16 2.82 -3.52
CA MET B 239 -18.83 3.24 -3.11
C MET B 239 -18.18 4.09 -4.19
N SER B 240 -18.51 3.84 -5.47
CA SER B 240 -17.91 4.61 -6.55
C SER B 240 -18.46 6.03 -6.70
N ASN B 241 -19.72 6.29 -6.34
CA ASN B 241 -20.19 7.67 -6.42
C ASN B 241 -19.92 8.48 -5.17
N ASN B 242 -19.48 7.82 -4.11
CA ASN B 242 -19.14 8.43 -2.83
C ASN B 242 -17.79 7.90 -2.37
N VAL B 243 -16.81 8.04 -3.27
CA VAL B 243 -15.47 7.52 -3.02
C VAL B 243 -14.81 8.26 -1.86
N GLN B 244 -15.12 9.54 -1.69
CA GLN B 244 -14.50 10.29 -0.60
C GLN B 244 -15.00 9.79 0.76
N ILE B 245 -16.29 9.45 0.84
CA ILE B 245 -16.80 8.87 2.07
C ILE B 245 -16.20 7.50 2.31
N VAL B 246 -15.98 6.73 1.24
CA VAL B 246 -15.33 5.43 1.38
C VAL B 246 -13.91 5.60 1.91
N ARG B 247 -13.20 6.62 1.41
CA ARG B 247 -11.84 6.90 1.88
C ARG B 247 -11.82 7.27 3.36
N GLN B 248 -12.79 8.09 3.79
CA GLN B 248 -12.81 8.50 5.19
C GLN B 248 -13.14 7.36 6.13
N GLN B 249 -13.70 6.24 5.64
CA GLN B 249 -13.99 5.08 6.47
C GLN B 249 -13.10 3.88 6.18
N SER B 250 -11.85 4.13 5.75
CA SER B 250 -10.90 3.08 5.47
C SER B 250 -9.65 3.28 6.31
N TYR B 251 -8.82 2.23 6.39
CA TYR B 251 -7.56 2.30 7.12
C TYR B 251 -6.42 1.79 6.24
N SER B 252 -5.24 2.38 6.40
CA SER B 252 -4.02 1.88 5.73
C SER B 252 -2.97 1.49 6.77
N ILE B 253 -2.61 0.20 6.79
CA ILE B 253 -1.72 -0.37 7.79
C ILE B 253 -0.44 -0.86 7.13
N MET B 254 0.70 -0.45 7.70
CA MET B 254 1.99 -0.86 7.19
C MET B 254 2.37 -2.24 7.70
N CYS B 255 2.75 -3.09 6.74
CA CYS B 255 3.14 -4.47 6.97
C CYS B 255 4.66 -4.56 7.12
N ILE B 256 5.37 -5.02 6.08
CA ILE B 256 6.80 -5.29 6.23
C ILE B 256 7.57 -4.84 5.01
N ILE B 257 8.85 -4.52 5.21
CA ILE B 257 9.79 -4.29 4.13
C ILE B 257 10.78 -5.43 4.17
N LYS B 258 10.78 -6.26 3.13
CA LYS B 258 11.62 -7.44 3.11
C LYS B 258 11.86 -7.84 1.66
N GLU B 259 13.12 -8.08 1.31
CA GLU B 259 13.47 -8.57 -0.01
C GLU B 259 12.96 -7.64 -1.11
N GLU B 260 13.35 -6.36 -0.99
CA GLU B 260 13.06 -5.38 -2.03
C GLU B 260 11.56 -5.24 -2.27
N VAL B 261 10.75 -5.39 -1.22
CA VAL B 261 9.31 -5.29 -1.34
C VAL B 261 8.76 -4.52 -0.15
N LEU B 262 7.97 -3.49 -0.42
CA LEU B 262 7.22 -2.74 0.58
C LEU B 262 5.75 -3.09 0.45
N ALA B 263 5.17 -3.68 1.49
CA ALA B 263 3.78 -4.12 1.42
C ALA B 263 2.99 -3.46 2.53
N TYR B 264 1.76 -3.08 2.21
CA TYR B 264 0.84 -2.53 3.21
C TYR B 264 -0.59 -2.87 2.82
N VAL B 265 -1.43 -3.04 3.85
CA VAL B 265 -2.81 -3.50 3.67
C VAL B 265 -3.75 -2.31 3.73
N VAL B 266 -4.68 -2.25 2.77
CA VAL B 266 -5.78 -1.27 2.78
C VAL B 266 -7.07 -1.97 3.21
N GLN B 267 -7.68 -1.45 4.27
CA GLN B 267 -8.88 -1.99 4.89
C GLN B 267 -10.06 -1.12 4.50
N LEU B 268 -10.93 -1.62 3.58
CA LEU B 268 -12.02 -0.83 3.03
C LEU B 268 -13.36 -1.22 3.66
N PRO B 269 -14.30 -0.28 3.79
CA PRO B 269 -15.55 -0.59 4.49
C PRO B 269 -16.45 -1.42 3.59
N LEU B 270 -17.18 -2.36 4.20
CA LEU B 270 -18.21 -3.13 3.51
C LEU B 270 -19.58 -2.82 4.09
N TYR B 271 -20.47 -2.33 3.26
CA TYR B 271 -21.81 -1.91 3.65
C TYR B 271 -22.74 -3.09 3.33
N GLY B 272 -22.94 -3.99 4.29
CA GLY B 272 -23.86 -5.09 4.04
C GLY B 272 -25.31 -4.70 3.97
N VAL B 273 -25.68 -3.57 4.56
CA VAL B 273 -27.04 -3.03 4.54
C VAL B 273 -27.02 -1.77 3.67
N ILE B 274 -27.81 -1.78 2.61
CA ILE B 274 -27.86 -0.68 1.65
C ILE B 274 -29.30 -0.26 1.48
N ASP B 275 -29.52 1.06 1.39
CA ASP B 275 -30.85 1.64 1.20
C ASP B 275 -31.78 1.30 2.36
N THR B 276 -31.24 1.31 3.59
CA THR B 276 -32.12 1.05 4.74
C THR B 276 -32.73 2.33 5.34
N PRO B 277 -33.98 2.30 5.82
CA PRO B 277 -34.60 3.49 6.41
C PRO B 277 -33.84 4.01 7.64
N CYS B 278 -33.68 5.34 7.71
CA CYS B 278 -32.98 6.00 8.82
C CYS B 278 -33.74 7.24 9.28
N TRP B 279 -33.53 7.58 10.56
CA TRP B 279 -34.21 8.67 11.26
C TRP B 279 -33.16 9.52 11.97
N LYS B 280 -33.41 10.83 12.07
CA LYS B 280 -32.51 11.74 12.79
C LYS B 280 -33.25 12.53 13.87
N LEU B 281 -32.83 12.37 15.12
CA LEU B 281 -33.42 13.07 16.27
C LEU B 281 -32.67 14.35 16.64
N HIS B 282 -33.40 15.46 16.78
CA HIS B 282 -32.85 16.72 17.27
C HIS B 282 -33.57 17.05 18.56
N THR B 283 -32.84 17.44 19.61
CA THR B 283 -33.47 17.72 20.90
C THR B 283 -33.09 19.10 21.41
N SER B 284 -33.97 19.69 22.22
CA SER B 284 -33.74 21.02 22.78
C SER B 284 -34.43 21.14 24.15
N PRO B 285 -33.87 21.94 25.05
CA PRO B 285 -34.42 22.08 26.41
C PRO B 285 -35.85 22.64 26.44
N LEU B 286 -36.69 22.05 27.31
CA LEU B 286 -38.08 22.45 27.52
C LEU B 286 -38.29 22.92 28.97
N CYS B 287 -38.33 24.25 29.19
CA CYS B 287 -38.45 24.86 30.50
C CYS B 287 -39.81 25.56 30.68
N THR B 288 -40.12 25.91 31.92
CA THR B 288 -41.29 26.71 32.27
C THR B 288 -40.94 28.20 32.12
N THR B 289 -41.97 29.05 32.03
CA THR B 289 -41.64 30.44 31.70
C THR B 289 -41.93 31.46 32.79
N ASN B 290 -41.56 31.16 34.02
CA ASN B 290 -41.59 32.08 35.15
C ASN B 290 -40.43 33.08 35.07
N THR B 291 -40.60 34.19 35.78
CA THR B 291 -39.74 35.36 35.79
C THR B 291 -38.64 35.21 36.85
N LYS B 292 -38.71 34.12 37.61
CA LYS B 292 -37.82 33.74 38.71
C LYS B 292 -37.05 32.51 38.27
N GLU B 293 -35.72 32.63 38.18
CA GLU B 293 -34.84 31.54 37.77
C GLU B 293 -34.83 30.38 38.74
N GLY B 294 -35.56 30.48 39.85
CA GLY B 294 -35.46 29.57 40.96
C GLY B 294 -36.78 28.81 41.04
N SER B 295 -37.74 29.22 40.20
CA SER B 295 -39.03 28.58 40.08
C SER B 295 -39.25 27.95 38.71
N ASN B 296 -38.19 27.75 37.93
CA ASN B 296 -38.30 27.18 36.60
C ASN B 296 -37.57 25.85 36.61
N ILE B 297 -38.09 24.88 35.88
CA ILE B 297 -37.45 23.59 35.80
C ILE B 297 -37.20 23.29 34.34
N CYS B 298 -36.14 22.55 34.06
CA CYS B 298 -35.83 22.30 32.66
C CYS B 298 -35.70 20.80 32.46
N LEU B 299 -35.84 20.44 31.19
CA LEU B 299 -35.89 19.07 30.73
C LEU B 299 -35.48 19.05 29.26
N THR B 300 -34.66 18.07 28.89
CA THR B 300 -34.18 17.95 27.53
C THR B 300 -34.16 16.46 27.25
N ARG B 301 -34.72 16.09 26.10
CA ARG B 301 -34.62 14.72 25.67
C ARG B 301 -33.17 14.37 25.39
N THR B 302 -32.79 13.14 25.74
CA THR B 302 -31.44 12.69 25.54
C THR B 302 -31.40 11.68 24.41
N ASP B 303 -30.18 11.23 24.13
CA ASP B 303 -29.92 10.26 23.07
C ASP B 303 -30.38 10.84 21.74
N ARG B 304 -29.85 12.01 21.42
CA ARG B 304 -30.07 12.65 20.15
C ARG B 304 -29.03 12.15 19.15
N GLY B 305 -29.44 12.05 17.89
CA GLY B 305 -28.49 11.58 16.90
C GLY B 305 -29.20 10.83 15.78
N TRP B 306 -28.44 9.93 15.16
CA TRP B 306 -28.91 9.14 14.03
C TRP B 306 -29.42 7.79 14.50
N TYR B 307 -30.60 7.42 14.02
CA TYR B 307 -31.20 6.11 14.25
C TYR B 307 -31.45 5.42 12.91
N CYS B 308 -31.06 4.17 12.79
CA CYS B 308 -31.29 3.43 11.54
C CYS B 308 -31.81 2.03 11.79
N ASP B 309 -32.75 1.65 10.92
CA ASP B 309 -33.32 0.31 10.87
C ASP B 309 -32.30 -0.73 10.44
N ASN B 310 -32.25 -1.83 11.18
CA ASN B 310 -31.27 -2.89 10.95
C ASN B 310 -31.94 -4.17 11.44
N ALA B 311 -32.41 -4.98 10.50
CA ALA B 311 -32.89 -6.33 10.80
C ALA B 311 -33.98 -6.27 11.87
N GLY B 312 -34.99 -5.42 11.66
CA GLY B 312 -36.02 -5.39 12.67
C GLY B 312 -35.69 -4.63 13.94
N SER B 313 -34.46 -4.13 14.12
CA SER B 313 -34.15 -3.34 15.32
C SER B 313 -33.63 -1.95 14.95
N VAL B 314 -33.24 -1.16 15.97
CA VAL B 314 -32.68 0.17 15.76
C VAL B 314 -31.23 0.26 16.23
N SER B 315 -30.35 0.72 15.34
CA SER B 315 -28.95 0.99 15.65
C SER B 315 -28.81 2.49 15.98
N PHE B 316 -28.44 2.81 17.21
CA PHE B 316 -28.25 4.20 17.63
C PHE B 316 -26.76 4.54 17.61
N PHE B 317 -26.42 5.70 17.05
CA PHE B 317 -25.03 6.13 16.93
C PHE B 317 -24.82 7.40 17.75
N PRO B 318 -24.25 7.31 18.95
CA PRO B 318 -24.10 8.52 19.78
C PRO B 318 -23.00 9.44 19.28
N GLN B 319 -21.87 8.88 18.85
CA GLN B 319 -20.77 9.70 18.35
C GLN B 319 -21.11 10.34 17.01
N ALA B 320 -20.65 11.58 16.83
CA ALA B 320 -21.01 12.38 15.66
C ALA B 320 -20.23 11.98 14.41
N GLU B 321 -19.02 11.48 14.57
CA GLU B 321 -18.19 11.15 13.42
C GLU B 321 -18.44 9.75 12.91
N THR B 322 -19.34 8.99 13.53
CA THR B 322 -19.59 7.64 13.04
C THR B 322 -20.59 7.61 11.90
N CYS B 323 -21.16 8.75 11.51
CA CYS B 323 -22.08 8.78 10.38
C CYS B 323 -21.77 9.98 9.50
N LYS B 324 -21.33 9.72 8.28
CA LYS B 324 -21.11 10.74 7.27
C LYS B 324 -22.33 10.76 6.37
N VAL B 325 -22.84 11.94 6.02
CA VAL B 325 -24.05 12.00 5.22
C VAL B 325 -23.74 12.59 3.86
N GLN B 326 -24.24 11.96 2.80
CA GLN B 326 -24.16 12.54 1.47
C GLN B 326 -25.56 12.54 0.86
N SER B 327 -26.10 13.74 0.66
CA SER B 327 -27.43 14.02 0.14
C SER B 327 -28.51 13.22 0.84
N ASN B 328 -29.32 12.50 0.05
CA ASN B 328 -30.31 11.59 0.61
C ASN B 328 -29.66 10.45 1.39
N ARG B 329 -28.43 10.10 1.03
CA ARG B 329 -27.70 8.93 1.52
C ARG B 329 -27.00 9.22 2.85
N VAL B 330 -26.79 8.17 3.64
CA VAL B 330 -26.04 8.23 4.90
C VAL B 330 -25.15 7.00 4.98
N PHE B 331 -23.90 7.20 5.44
CA PHE B 331 -22.91 6.15 5.59
C PHE B 331 -22.47 6.09 7.06
N CYS B 332 -22.92 5.09 7.82
CA CYS B 332 -22.59 4.99 9.23
C CYS B 332 -21.70 3.80 9.56
N ASP B 333 -21.05 3.86 10.74
CA ASP B 333 -20.21 2.77 11.21
C ASP B 333 -20.75 2.18 12.51
N THR B 334 -21.07 0.89 12.47
CA THR B 334 -21.60 0.07 13.56
C THR B 334 -20.60 -0.35 14.64
N MET B 335 -19.30 -0.09 14.49
CA MET B 335 -18.34 -0.52 15.53
C MET B 335 -18.61 0.10 16.90
N ASN B 336 -18.98 1.37 16.96
CA ASN B 336 -19.24 2.04 18.24
C ASN B 336 -20.69 2.49 18.25
N SER B 337 -21.60 1.51 18.28
CA SER B 337 -23.01 1.80 18.24
C SER B 337 -23.73 0.94 19.28
N LEU B 338 -25.04 1.17 19.38
CA LEU B 338 -25.90 0.55 20.37
C LEU B 338 -27.13 -0.02 19.67
N THR B 339 -27.52 -1.23 20.05
CA THR B 339 -28.70 -1.87 19.48
C THR B 339 -29.83 -1.81 20.49
N LEU B 340 -30.91 -1.13 20.12
CA LEU B 340 -32.09 -0.93 20.94
C LEU B 340 -33.33 -1.47 20.23
N PRO B 341 -34.35 -1.88 20.99
CA PRO B 341 -35.61 -2.28 20.36
C PRO B 341 -36.26 -1.10 19.65
N SER B 342 -37.01 -1.42 18.61
CA SER B 342 -37.69 -0.43 17.77
C SER B 342 -38.74 0.39 18.52
N GLU B 343 -39.14 -0.02 19.72
CA GLU B 343 -40.12 0.79 20.41
C GLU B 343 -39.55 2.12 20.87
N VAL B 344 -38.23 2.30 20.77
CA VAL B 344 -37.64 3.56 21.18
C VAL B 344 -38.08 4.68 20.25
N ASN B 345 -38.48 4.35 19.02
CA ASN B 345 -38.94 5.43 18.14
C ASN B 345 -40.28 5.98 18.59
N LEU B 346 -40.99 5.23 19.41
CA LEU B 346 -42.29 5.70 19.86
C LEU B 346 -42.12 6.73 20.96
N CYS B 347 -40.86 6.98 21.36
CA CYS B 347 -40.56 8.05 22.30
C CYS B 347 -40.77 9.42 21.67
N ASN B 348 -40.80 9.50 20.33
CA ASN B 348 -40.99 10.80 19.70
C ASN B 348 -42.43 11.28 19.71
N VAL B 349 -43.42 10.38 19.79
CA VAL B 349 -44.81 10.80 19.81
C VAL B 349 -45.43 10.70 21.21
N ASP B 350 -44.96 9.77 22.03
CA ASP B 350 -45.50 9.61 23.38
C ASP B 350 -44.33 9.22 24.28
N ILE B 351 -43.76 10.21 24.99
CA ILE B 351 -42.56 9.98 25.81
C ILE B 351 -42.93 9.47 27.20
N PHE B 352 -44.16 9.72 27.65
CA PHE B 352 -44.62 9.31 28.97
C PHE B 352 -45.11 7.88 28.96
N ASN B 353 -44.87 7.15 27.88
CA ASN B 353 -45.37 5.79 27.76
C ASN B 353 -44.41 4.81 28.41
N PRO B 354 -44.86 4.06 29.41
CA PRO B 354 -44.00 3.06 30.06
C PRO B 354 -43.65 1.89 29.16
N LYS B 355 -44.22 1.76 27.96
CA LYS B 355 -43.87 0.56 27.19
C LYS B 355 -42.39 0.60 26.84
N TYR B 356 -41.78 1.80 26.72
CA TYR B 356 -40.34 1.89 26.52
C TYR B 356 -39.83 2.97 27.48
N ASP B 357 -38.77 2.65 28.23
CA ASP B 357 -38.16 3.57 29.21
C ASP B 357 -37.33 4.58 28.42
N CYS B 358 -38.02 5.63 27.98
CA CYS B 358 -37.55 6.81 27.26
C CYS B 358 -36.80 7.76 28.18
N LYS B 359 -35.50 7.88 27.95
CA LYS B 359 -34.55 8.57 28.83
C LYS B 359 -34.46 10.04 28.46
N ILE B 360 -34.28 10.84 29.51
CA ILE B 360 -34.19 12.30 29.47
C ILE B 360 -33.07 12.79 30.40
N MET B 361 -32.77 14.08 30.30
CA MET B 361 -31.91 14.76 31.25
C MET B 361 -32.65 15.98 31.77
N THR B 362 -32.43 16.28 33.05
CA THR B 362 -33.10 17.35 33.78
C THR B 362 -32.11 18.34 34.38
N SER B 363 -32.59 19.55 34.63
CA SER B 363 -31.75 20.57 35.27
C SER B 363 -32.65 21.72 35.71
N LYS B 364 -32.04 22.77 36.27
CA LYS B 364 -32.74 23.99 36.60
C LYS B 364 -32.08 25.18 35.91
N THR B 365 -31.42 24.89 34.78
CA THR B 365 -30.63 25.82 33.97
C THR B 365 -31.40 26.21 32.71
N ASP B 366 -32.09 27.35 32.74
CA ASP B 366 -32.90 27.80 31.60
C ASP B 366 -32.09 28.76 30.72
N VAL B 367 -31.22 28.18 29.89
CA VAL B 367 -30.40 28.92 28.93
C VAL B 367 -30.92 28.65 27.52
N SER B 368 -31.02 29.71 26.72
CA SER B 368 -31.55 29.66 25.37
C SER B 368 -30.62 28.95 24.40
N SER B 369 -31.20 28.30 23.40
CA SER B 369 -30.41 27.60 22.39
C SER B 369 -31.25 27.35 21.15
N SER B 370 -30.59 26.94 20.09
CA SER B 370 -31.28 26.57 18.86
C SER B 370 -30.57 25.37 18.25
N VAL B 371 -31.33 24.57 17.53
CA VAL B 371 -30.79 23.41 16.82
C VAL B 371 -31.31 23.53 15.40
N ILE B 372 -30.41 23.59 14.44
CA ILE B 372 -30.83 23.62 13.04
C ILE B 372 -31.11 22.18 12.63
N THR B 373 -32.35 21.87 12.27
CA THR B 373 -32.59 20.49 11.93
C THR B 373 -32.40 20.37 10.41
N SER B 374 -32.75 19.19 9.90
CA SER B 374 -32.49 18.90 8.49
C SER B 374 -33.43 19.65 7.58
N LEU B 375 -34.63 19.90 8.04
CA LEU B 375 -35.59 20.57 7.20
C LEU B 375 -36.13 21.78 7.92
N GLY B 376 -35.44 22.24 8.98
CA GLY B 376 -35.97 23.41 9.68
C GLY B 376 -35.13 23.80 10.88
N ALA B 377 -35.75 24.30 11.96
CA ALA B 377 -34.97 24.72 13.11
C ALA B 377 -35.85 24.73 14.36
N ILE B 378 -35.33 24.10 15.45
CA ILE B 378 -35.93 24.16 16.78
C ILE B 378 -35.31 25.33 17.54
N VAL B 379 -36.14 26.10 18.25
CA VAL B 379 -35.67 27.25 19.02
C VAL B 379 -36.22 27.15 20.44
N SER B 380 -35.33 27.10 21.43
CA SER B 380 -35.71 27.15 22.85
C SER B 380 -35.31 28.51 23.42
N CYS B 381 -36.31 29.38 23.63
CA CYS B 381 -36.10 30.75 24.10
C CYS B 381 -36.64 30.90 25.52
N TYR B 382 -35.79 31.36 26.45
CA TYR B 382 -36.22 31.54 27.83
C TYR B 382 -35.53 32.76 28.45
N GLY B 383 -36.24 33.38 29.40
CA GLY B 383 -35.70 34.51 30.14
C GLY B 383 -35.68 35.79 29.31
N LYS B 384 -34.60 36.55 29.51
CA LYS B 384 -34.34 37.81 28.80
C LYS B 384 -33.42 37.50 27.62
N THR B 385 -34.00 37.09 26.50
CA THR B 385 -33.21 36.66 25.34
C THR B 385 -33.91 37.10 24.06
N LYS B 386 -33.13 37.58 23.10
CA LYS B 386 -33.66 38.06 21.81
C LYS B 386 -33.64 36.98 20.73
N CYS B 387 -34.78 36.31 20.52
CA CYS B 387 -34.94 35.28 19.49
C CYS B 387 -35.75 35.86 18.33
N THR B 388 -35.27 35.62 17.10
CA THR B 388 -35.86 36.18 15.89
C THR B 388 -35.50 35.27 14.72
N ALA B 389 -36.22 35.45 13.61
CA ALA B 389 -35.93 34.72 12.37
C ALA B 389 -35.92 35.65 11.17
N SER B 390 -34.84 36.42 10.97
CA SER B 390 -34.96 37.37 9.89
C SER B 390 -34.66 36.66 8.56
N ASN B 391 -35.26 37.18 7.49
CA ASN B 391 -35.02 36.81 6.10
C ASN B 391 -34.29 37.88 5.27
N LYS B 392 -33.45 37.41 4.33
CA LYS B 392 -32.61 38.32 3.55
C LYS B 392 -33.46 39.29 2.75
N ASN B 393 -34.65 38.86 2.32
CA ASN B 393 -35.49 39.65 1.43
C ASN B 393 -36.63 40.34 2.13
N ARG B 394 -37.03 39.85 3.31
CA ARG B 394 -38.07 40.49 4.09
C ARG B 394 -37.62 40.45 5.54
N GLY B 395 -38.07 41.41 6.33
CA GLY B 395 -37.56 41.38 7.67
C GLY B 395 -38.01 40.20 8.51
N ILE B 396 -38.01 40.43 9.81
CA ILE B 396 -38.40 39.46 10.84
C ILE B 396 -39.91 39.26 10.70
N ILE B 397 -40.33 38.01 10.51
CA ILE B 397 -41.76 37.70 10.35
C ILE B 397 -42.32 37.08 11.62
N LYS B 398 -41.46 36.65 12.53
CA LYS B 398 -41.86 36.13 13.83
C LYS B 398 -40.75 36.33 14.82
N THR B 399 -41.12 36.83 15.97
CA THR B 399 -40.26 36.99 17.13
C THR B 399 -40.79 35.95 18.07
N PHE B 400 -39.91 35.05 18.50
CA PHE B 400 -40.33 33.94 19.33
C PHE B 400 -40.54 34.38 20.76
N SER B 401 -41.58 33.84 21.37
CA SER B 401 -41.84 34.07 22.77
C SER B 401 -41.17 32.98 23.61
N ASN B 402 -41.38 33.06 24.90
CA ASN B 402 -40.79 32.12 25.83
C ASN B 402 -41.38 30.72 25.67
N GLY B 403 -40.51 29.71 25.53
CA GLY B 403 -40.82 28.31 25.31
C GLY B 403 -40.02 27.70 24.17
N CYS B 404 -40.46 26.51 23.76
CA CYS B 404 -39.85 25.72 22.67
C CYS B 404 -40.73 25.71 21.42
N ASP B 405 -40.13 26.01 20.28
CA ASP B 405 -40.88 26.03 19.03
C ASP B 405 -40.02 25.43 17.92
N TYR B 406 -40.58 25.44 16.70
CA TYR B 406 -39.98 24.85 15.51
C TYR B 406 -40.45 25.65 14.32
N VAL B 407 -39.62 25.72 13.29
CA VAL B 407 -39.98 26.44 12.07
C VAL B 407 -39.50 25.64 10.88
N SER B 408 -40.32 25.61 9.83
CA SER B 408 -39.95 24.93 8.60
C SER B 408 -39.00 25.80 7.79
N ASN B 409 -38.30 25.18 6.86
CA ASN B 409 -37.41 25.92 5.98
C ASN B 409 -38.12 26.57 4.81
N LYS B 410 -39.41 26.30 4.62
CA LYS B 410 -40.17 26.88 3.51
C LYS B 410 -40.44 28.36 3.80
N GLY B 411 -39.64 29.24 3.19
CA GLY B 411 -39.77 30.67 3.35
C GLY B 411 -38.87 31.28 4.40
N VAL B 412 -38.18 30.47 5.20
CA VAL B 412 -37.32 30.96 6.26
C VAL B 412 -35.88 30.76 5.82
N ASP B 413 -35.04 31.78 6.00
CA ASP B 413 -33.63 31.67 5.64
C ASP B 413 -32.68 31.62 6.83
N THR B 414 -32.84 32.49 7.82
CA THR B 414 -31.93 32.52 8.96
C THR B 414 -32.71 32.56 10.26
N VAL B 415 -32.05 32.18 11.35
CA VAL B 415 -32.63 32.23 12.69
C VAL B 415 -31.62 32.90 13.61
N SER B 416 -32.04 33.94 14.32
CA SER B 416 -31.15 34.68 15.20
C SER B 416 -31.57 34.43 16.64
N VAL B 417 -30.62 34.04 17.49
CA VAL B 417 -30.82 33.83 18.92
C VAL B 417 -29.76 34.64 19.66
N GLY B 418 -30.18 35.73 20.29
CA GLY B 418 -29.24 36.62 20.95
C GLY B 418 -28.35 37.28 19.92
N ASN B 419 -27.05 37.22 20.18
CA ASN B 419 -26.04 37.72 19.26
C ASN B 419 -25.48 36.59 18.37
N THR B 420 -26.16 35.45 18.30
CA THR B 420 -25.73 34.30 17.53
C THR B 420 -26.71 34.07 16.38
N LEU B 421 -26.18 33.85 15.17
CA LEU B 421 -27.04 33.62 14.01
C LEU B 421 -26.81 32.24 13.42
N TYR B 422 -27.87 31.43 13.33
CA TYR B 422 -27.80 30.12 12.71
C TYR B 422 -28.42 30.21 11.31
N CYS B 423 -27.97 29.30 10.43
CA CYS B 423 -28.50 29.17 9.09
C CYS B 423 -29.37 27.92 8.96
N VAL B 424 -30.53 28.07 8.33
CA VAL B 424 -31.47 26.97 8.16
C VAL B 424 -31.14 26.27 6.86
N ASN B 425 -31.11 24.94 6.87
CA ASN B 425 -30.83 24.21 5.64
C ASN B 425 -31.98 24.38 4.67
N LYS B 426 -31.67 24.79 3.43
CA LYS B 426 -32.69 25.07 2.41
C LYS B 426 -33.01 23.87 1.53
N GLN B 427 -32.87 22.63 2.00
CA GLN B 427 -33.21 21.50 1.14
C GLN B 427 -34.72 21.42 1.05
N GLU B 428 -35.25 21.08 -0.13
CA GLU B 428 -36.69 21.00 -0.32
C GLU B 428 -37.27 19.70 0.23
N GLY B 429 -38.42 19.82 0.88
CA GLY B 429 -39.10 18.69 1.51
C GLY B 429 -40.30 19.17 2.29
N GLN B 430 -41.05 18.21 2.80
CA GLN B 430 -42.29 18.50 3.53
C GLN B 430 -42.15 18.27 5.03
N SER B 431 -42.55 19.29 5.79
CA SER B 431 -42.59 19.24 7.25
C SER B 431 -44.03 19.04 7.71
N LEU B 432 -44.17 18.33 8.83
CA LEU B 432 -45.47 18.03 9.44
C LEU B 432 -45.38 18.41 10.90
N TYR B 433 -46.25 19.32 11.33
CA TYR B 433 -46.25 19.77 12.72
C TYR B 433 -47.25 18.90 13.48
N VAL B 434 -46.71 18.03 14.33
CA VAL B 434 -47.49 17.09 15.14
C VAL B 434 -47.77 17.79 16.47
N LYS B 435 -48.97 18.34 16.59
CA LYS B 435 -49.35 19.10 17.78
C LYS B 435 -49.47 18.23 19.03
N GLY B 436 -49.16 18.85 20.17
CA GLY B 436 -49.27 18.25 21.47
C GLY B 436 -48.77 19.22 22.51
N GLU B 437 -49.30 19.13 23.70
CA GLU B 437 -48.89 20.02 24.80
C GLU B 437 -47.49 19.74 25.34
N PRO B 438 -46.66 20.77 25.50
CA PRO B 438 -45.32 20.53 26.08
C PRO B 438 -45.45 19.94 27.48
N ILE B 439 -44.75 18.81 27.67
CA ILE B 439 -44.80 17.98 28.87
C ILE B 439 -44.25 18.66 30.11
N ILE B 440 -43.54 19.78 29.97
CA ILE B 440 -43.01 20.47 31.15
C ILE B 440 -44.13 21.03 32.01
N ASN B 441 -45.32 21.23 31.45
CA ASN B 441 -46.41 21.73 32.27
C ASN B 441 -47.00 20.64 33.17
N PHE B 442 -46.68 19.36 32.97
CA PHE B 442 -47.22 18.32 33.84
C PHE B 442 -46.41 18.07 35.11
N TYR B 443 -45.35 18.84 35.37
CA TYR B 443 -44.45 18.58 36.49
C TYR B 443 -44.48 19.69 37.54
N ASP B 444 -44.60 19.31 38.82
CA ASP B 444 -44.52 20.28 39.89
C ASP B 444 -43.06 20.70 40.05
N PRO B 445 -42.74 22.00 40.02
CA PRO B 445 -41.32 22.39 40.07
C PRO B 445 -40.60 22.02 41.36
N LEU B 446 -41.28 22.15 42.50
CA LEU B 446 -40.62 21.96 43.79
C LEU B 446 -40.06 20.56 44.00
N VAL B 447 -40.79 19.52 43.56
CA VAL B 447 -40.37 18.16 43.84
C VAL B 447 -39.71 17.51 42.62
N PHE B 448 -39.42 18.30 41.60
CA PHE B 448 -38.80 17.75 40.40
C PHE B 448 -37.39 17.31 40.76
N PRO B 449 -36.93 16.17 40.30
CA PRO B 449 -35.50 15.93 40.49
C PRO B 449 -34.66 16.66 39.44
N SER B 450 -34.04 17.77 39.81
CA SER B 450 -33.34 18.60 38.83
C SER B 450 -31.85 18.32 38.76
N ASN B 451 -31.28 17.66 39.77
CA ASN B 451 -29.86 17.30 39.79
C ASN B 451 -29.61 15.86 39.32
N GLN B 452 -30.66 15.12 38.96
CA GLN B 452 -30.51 13.70 38.67
C GLN B 452 -29.79 13.45 37.34
N PHE B 453 -29.69 14.46 36.48
CA PHE B 453 -28.92 14.39 35.23
C PHE B 453 -29.53 13.34 34.31
N ASP B 454 -28.72 12.45 33.72
CA ASP B 454 -29.26 11.45 32.81
C ASP B 454 -30.20 10.52 33.57
N ALA B 455 -31.36 10.24 32.98
CA ALA B 455 -32.35 9.47 33.72
C ALA B 455 -33.40 8.92 32.77
N SER B 456 -33.90 7.76 33.15
CA SER B 456 -34.97 7.11 32.42
C SER B 456 -36.30 7.71 32.86
N ILE B 457 -37.30 7.55 32.01
CA ILE B 457 -38.63 8.06 32.33
C ILE B 457 -39.15 7.40 33.61
N SER B 458 -39.05 6.07 33.70
CA SER B 458 -39.49 5.37 34.89
C SER B 458 -38.66 5.76 36.12
N GLN B 459 -37.40 6.15 35.94
CA GLN B 459 -36.63 6.64 37.09
C GLN B 459 -37.23 7.92 37.65
N VAL B 460 -37.60 8.85 36.76
CA VAL B 460 -38.16 10.13 37.21
C VAL B 460 -39.52 9.88 37.83
N ASN B 461 -40.32 8.99 37.25
CA ASN B 461 -41.64 8.71 37.79
C ASN B 461 -41.51 8.09 39.18
N GLU B 462 -40.49 7.24 39.38
CA GLU B 462 -40.26 6.67 40.71
C GLU B 462 -39.80 7.74 41.69
N LYS B 463 -38.99 8.70 41.22
CA LYS B 463 -38.59 9.81 42.08
C LYS B 463 -39.79 10.69 42.47
N ILE B 464 -40.82 10.75 41.62
CA ILE B 464 -42.02 11.51 41.96
C ILE B 464 -42.88 10.73 42.96
N ASN B 465 -42.97 9.41 42.81
CA ASN B 465 -43.69 8.59 43.78
C ASN B 465 -42.96 8.61 45.14
N GLN B 466 -41.62 8.77 45.11
CA GLN B 466 -40.85 8.88 46.34
C GLN B 466 -41.07 10.24 46.98
N SER B 467 -41.30 11.28 46.17
CA SER B 467 -41.54 12.57 46.80
C SER B 467 -42.97 12.65 47.34
N LEU B 468 -43.91 11.87 46.79
CA LEU B 468 -45.23 11.89 47.41
C LEU B 468 -45.20 11.06 48.68
N ALA B 469 -44.34 10.04 48.75
CA ALA B 469 -44.20 9.34 50.00
C ALA B 469 -43.53 10.25 51.03
N PHE B 470 -42.63 11.14 50.57
CA PHE B 470 -41.97 12.11 51.43
C PHE B 470 -42.93 13.19 51.94
N ILE B 471 -44.07 13.37 51.29
CA ILE B 471 -45.02 14.38 51.77
C ILE B 471 -46.15 13.80 52.61
N ARG B 472 -46.52 12.53 52.40
CA ARG B 472 -47.62 11.97 53.21
C ARG B 472 -47.28 11.91 54.70
N LYS B 473 -46.08 11.42 55.04
CA LYS B 473 -45.70 11.31 56.44
C LYS B 473 -45.52 12.66 57.14
N SER B 474 -45.13 13.70 56.42
CA SER B 474 -44.94 15.01 57.06
C SER B 474 -46.10 15.95 56.74
#